data_5XWG
# 
_entry.id   5XWG 
# 
_audit_conform.dict_name       mmcif_pdbx.dic 
_audit_conform.dict_version    5.387 
_audit_conform.dict_location   http://mmcif.pdb.org/dictionaries/ascii/mmcif_pdbx.dic 
# 
loop_
_database_2.database_id 
_database_2.database_code 
_database_2.pdbx_database_accession 
_database_2.pdbx_DOI 
PDB   5XWG         pdb_00005xwg 10.2210/pdb5xwg/pdb 
WWPDB D_1300004290 ?            ?                   
# 
loop_
_pdbx_audit_revision_history.ordinal 
_pdbx_audit_revision_history.data_content_type 
_pdbx_audit_revision_history.major_revision 
_pdbx_audit_revision_history.minor_revision 
_pdbx_audit_revision_history.revision_date 
1 'Structure model' 1 0 2017-10-11 
2 'Structure model' 1 1 2024-03-27 
# 
_pdbx_audit_revision_details.ordinal             1 
_pdbx_audit_revision_details.revision_ordinal    1 
_pdbx_audit_revision_details.data_content_type   'Structure model' 
_pdbx_audit_revision_details.provider            repository 
_pdbx_audit_revision_details.type                'Initial release' 
_pdbx_audit_revision_details.description         ? 
_pdbx_audit_revision_details.details             ? 
# 
loop_
_pdbx_audit_revision_group.ordinal 
_pdbx_audit_revision_group.revision_ordinal 
_pdbx_audit_revision_group.data_content_type 
_pdbx_audit_revision_group.group 
1 2 'Structure model' 'Data collection'     
2 2 'Structure model' 'Database references' 
# 
loop_
_pdbx_audit_revision_category.ordinal 
_pdbx_audit_revision_category.revision_ordinal 
_pdbx_audit_revision_category.data_content_type 
_pdbx_audit_revision_category.category 
1 2 'Structure model' chem_comp_atom 
2 2 'Structure model' chem_comp_bond 
3 2 'Structure model' database_2     
# 
loop_
_pdbx_audit_revision_item.ordinal 
_pdbx_audit_revision_item.revision_ordinal 
_pdbx_audit_revision_item.data_content_type 
_pdbx_audit_revision_item.item 
1 2 'Structure model' '_database_2.pdbx_DOI'                
2 2 'Structure model' '_database_2.pdbx_database_accession' 
# 
_pdbx_database_status.status_code                     REL 
_pdbx_database_status.status_code_sf                  REL 
_pdbx_database_status.status_code_mr                  ? 
_pdbx_database_status.entry_id                        5XWG 
_pdbx_database_status.recvd_initial_deposition_date   2017-06-29 
_pdbx_database_status.SG_entry                        N 
_pdbx_database_status.deposit_site                    PDBJ 
_pdbx_database_status.process_site                    PDBJ 
_pdbx_database_status.status_code_cs                  ? 
_pdbx_database_status.methods_development_category    ? 
_pdbx_database_status.pdb_format_compatible           Y 
_pdbx_database_status.status_code_nmr_data            ? 
# 
loop_
_audit_author.name 
_audit_author.pdbx_ordinal 
_audit_author.identifier_ORCID 
'Kanazawa, H.' 1 ? 
'Kondo, J.'    2 ? 
# 
_citation.abstract                  ? 
_citation.abstract_id_CAS           ? 
_citation.book_id_ISBN              ? 
_citation.book_publisher            ? 
_citation.book_publisher_city       ? 
_citation.book_title                ? 
_citation.coordinate_linkage        ? 
_citation.country                   US 
_citation.database_id_Medline       ? 
_citation.details                   ? 
_citation.id                        primary 
_citation.journal_abbrev            'J. Inorg. Biochem.' 
_citation.journal_id_ASTM           JIBIDJ 
_citation.journal_id_CSD            0525 
_citation.journal_id_ISSN           1873-3344 
_citation.journal_full              ? 
_citation.journal_issue             ? 
_citation.journal_volume            176 
_citation.language                  ? 
_citation.page_first                140 
_citation.page_last                 143 
_citation.title                     
'Crystal structure of a novel RNA motif that allows for precise positioning of a single metal ion.' 
_citation.year                      2017 
_citation.database_id_CSD           ? 
_citation.pdbx_database_id_DOI      10.1016/j.jinorgbio.2017.08.029 
_citation.pdbx_database_id_PubMed   28898762 
_citation.unpublished_flag          ? 
# 
loop_
_citation_author.citation_id 
_citation_author.name 
_citation_author.ordinal 
_citation_author.identifier_ORCID 
primary 'Kanazawa, H.' 1 ? 
primary 'Kondo, J.'    2 ? 
# 
loop_
_entity.id 
_entity.type 
_entity.src_method 
_entity.pdbx_description 
_entity.formula_weight 
_entity.pdbx_number_of_molecules 
_entity.pdbx_ec 
_entity.pdbx_mutation 
_entity.pdbx_fragment 
_entity.details 
1 polymer     syn 
;RNA (5'-R(P*CP*GP*CP*UP*(5BU)P*CP*GP*AP*AP*AP*AP*AP*GP*UP*C)-3')
;
4854.810 1 ? ? ? ? 
2 non-polymer syn 'STRONTIUM ION'                                                    87.620   3 ? ? ? ? 
# 
_entity_poly.entity_id                      1 
_entity_poly.type                           polyribonucleotide 
_entity_poly.nstd_linkage                   no 
_entity_poly.nstd_monomer                   yes 
_entity_poly.pdbx_seq_one_letter_code       'CGCU(5BU)CGAAAAAGUC' 
_entity_poly.pdbx_seq_one_letter_code_can   CGCUUCGAAAAAGUC 
_entity_poly.pdbx_strand_id                 A 
_entity_poly.pdbx_target_identifier         ? 
# 
_pdbx_entity_nonpoly.entity_id   2 
_pdbx_entity_nonpoly.name        'STRONTIUM ION' 
_pdbx_entity_nonpoly.comp_id     SR 
# 
loop_
_entity_poly_seq.entity_id 
_entity_poly_seq.num 
_entity_poly_seq.mon_id 
_entity_poly_seq.hetero 
1 1  C   n 
1 2  G   n 
1 3  C   n 
1 4  U   n 
1 5  5BU n 
1 6  C   n 
1 7  G   n 
1 8  A   n 
1 9  A   n 
1 10 A   n 
1 11 A   n 
1 12 A   n 
1 13 G   n 
1 14 U   n 
1 15 C   n 
# 
_pdbx_entity_src_syn.entity_id              1 
_pdbx_entity_src_syn.pdbx_src_id            1 
_pdbx_entity_src_syn.pdbx_alt_source_flag   sample 
_pdbx_entity_src_syn.pdbx_beg_seq_num       1 
_pdbx_entity_src_syn.pdbx_end_seq_num       15 
_pdbx_entity_src_syn.organism_scientific    'synthetic construct' 
_pdbx_entity_src_syn.organism_common_name   ? 
_pdbx_entity_src_syn.ncbi_taxonomy_id       32630 
_pdbx_entity_src_syn.details                ? 
# 
loop_
_chem_comp.id 
_chem_comp.type 
_chem_comp.mon_nstd_flag 
_chem_comp.name 
_chem_comp.pdbx_synonyms 
_chem_comp.formula 
_chem_comp.formula_weight 
5BU 'RNA linking' n "5-BROMO-URIDINE-5'-MONOPHOSPHATE" ? 'C9 H12 Br N2 O9 P' 403.077 
A   'RNA linking' y "ADENOSINE-5'-MONOPHOSPHATE"       ? 'C10 H14 N5 O7 P'   347.221 
C   'RNA linking' y "CYTIDINE-5'-MONOPHOSPHATE"        ? 'C9 H14 N3 O8 P'    323.197 
G   'RNA linking' y "GUANOSINE-5'-MONOPHOSPHATE"       ? 'C10 H14 N5 O8 P'   363.221 
SR  non-polymer   . 'STRONTIUM ION'                    ? 'Sr 2'              87.620  
U   'RNA linking' y "URIDINE-5'-MONOPHOSPHATE"         ? 'C9 H13 N2 O9 P'    324.181 
# 
loop_
_pdbx_poly_seq_scheme.asym_id 
_pdbx_poly_seq_scheme.entity_id 
_pdbx_poly_seq_scheme.seq_id 
_pdbx_poly_seq_scheme.mon_id 
_pdbx_poly_seq_scheme.ndb_seq_num 
_pdbx_poly_seq_scheme.pdb_seq_num 
_pdbx_poly_seq_scheme.auth_seq_num 
_pdbx_poly_seq_scheme.pdb_mon_id 
_pdbx_poly_seq_scheme.auth_mon_id 
_pdbx_poly_seq_scheme.pdb_strand_id 
_pdbx_poly_seq_scheme.pdb_ins_code 
_pdbx_poly_seq_scheme.hetero 
A 1 1  C   1  5  5  C   C   A . n 
A 1 2  G   2  6  6  G   G   A . n 
A 1 3  C   3  7  7  C   C   A . n 
A 1 4  U   4  8  8  U   U   A . n 
A 1 5  5BU 5  9  9  5BU 5BU A . n 
A 1 6  C   6  10 10 C   C   A . n 
A 1 7  G   7  11 11 G   G   A . n 
A 1 8  A   8  12 12 A   A   A . n 
A 1 9  A   9  13 13 A   A   A . n 
A 1 10 A   10 14 14 A   A   A . n 
A 1 11 A   11 15 15 A   A   A . n 
A 1 12 A   12 16 16 A   A   A . n 
A 1 13 G   13 17 17 G   G   A . n 
A 1 14 U   14 18 18 U   U   A . n 
A 1 15 C   15 19 19 C   C   A . n 
# 
loop_
_pdbx_nonpoly_scheme.asym_id 
_pdbx_nonpoly_scheme.entity_id 
_pdbx_nonpoly_scheme.mon_id 
_pdbx_nonpoly_scheme.ndb_seq_num 
_pdbx_nonpoly_scheme.pdb_seq_num 
_pdbx_nonpoly_scheme.auth_seq_num 
_pdbx_nonpoly_scheme.pdb_mon_id 
_pdbx_nonpoly_scheme.auth_mon_id 
_pdbx_nonpoly_scheme.pdb_strand_id 
_pdbx_nonpoly_scheme.pdb_ins_code 
B 2 SR 1 101 50 SR SR A . 
C 2 SR 1 102 51 SR SR A . 
D 2 SR 1 103 52 SR SR A . 
# 
loop_
_software.citation_id 
_software.classification 
_software.compiler_name 
_software.compiler_version 
_software.contact_author 
_software.contact_author_email 
_software.date 
_software.description 
_software.dependencies 
_software.hardware 
_software.language 
_software.location 
_software.mods 
_software.name 
_software.os 
_software.os_version 
_software.type 
_software.version 
_software.pdbx_ordinal 
? 'data scaling'    ? ? ? ? ? ? ? ? ? ? ? SCALA        ? ? ? .          1 
? refinement        ? ? ? ? ? ? ? ? ? ? ? PHENIX       ? ? ? 1.8.3_1479 2 
? 'data extraction' ? ? ? ? ? ? ? ? ? ? ? PDB_EXTRACT  ? ? ? 3.22       3 
? 'data reduction'  ? ? ? ? ? ? ? ? ? ? ? CrystalClear ? ? ? .          4 
? phasing           ? ? ? ? ? ? ? ? ? ? ? AutoSol      ? ? ? .          5 
# 
_cell.angle_alpha                  90.000 
_cell.angle_alpha_esd              ? 
_cell.angle_beta                   90.000 
_cell.angle_beta_esd               ? 
_cell.angle_gamma                  90.000 
_cell.angle_gamma_esd              ? 
_cell.entry_id                     5XWG 
_cell.details                      ? 
_cell.formula_units_Z              ? 
_cell.length_a                     80.544 
_cell.length_a_esd                 ? 
_cell.length_b                     80.544 
_cell.length_b_esd                 ? 
_cell.length_c                     80.544 
_cell.length_c_esd                 ? 
_cell.volume                       ? 
_cell.volume_esd                   ? 
_cell.Z_PDB                        24 
_cell.reciprocal_angle_alpha       ? 
_cell.reciprocal_angle_beta        ? 
_cell.reciprocal_angle_gamma       ? 
_cell.reciprocal_angle_alpha_esd   ? 
_cell.reciprocal_angle_beta_esd    ? 
_cell.reciprocal_angle_gamma_esd   ? 
_cell.reciprocal_length_a          ? 
_cell.reciprocal_length_b          ? 
_cell.reciprocal_length_c          ? 
_cell.reciprocal_length_a_esd      ? 
_cell.reciprocal_length_b_esd      ? 
_cell.reciprocal_length_c_esd      ? 
_cell.pdbx_unique_axis             ? 
# 
_symmetry.entry_id                         5XWG 
_symmetry.cell_setting                     ? 
_symmetry.Int_Tables_number                199 
_symmetry.space_group_name_Hall            ? 
_symmetry.space_group_name_H-M             'I 21 3' 
_symmetry.pdbx_full_space_group_name_H-M   ? 
# 
_exptl.absorpt_coefficient_mu     ? 
_exptl.absorpt_correction_T_max   ? 
_exptl.absorpt_correction_T_min   ? 
_exptl.absorpt_correction_type    ? 
_exptl.absorpt_process_details    ? 
_exptl.entry_id                   5XWG 
_exptl.crystals_number            1 
_exptl.details                    ? 
_exptl.method                     'X-RAY DIFFRACTION' 
_exptl.method_details             ? 
# 
_exptl_crystal.colour                      ? 
_exptl_crystal.density_diffrn              ? 
_exptl_crystal.density_Matthews            4.48 
_exptl_crystal.density_method              ? 
_exptl_crystal.density_percent_sol         72.57 
_exptl_crystal.description                 'The entry contains friedel pairs in F_plus/minus columns and I_plus/minus columns' 
_exptl_crystal.F_000                       ? 
_exptl_crystal.id                          1 
_exptl_crystal.preparation                 ? 
_exptl_crystal.size_max                    ? 
_exptl_crystal.size_mid                    ? 
_exptl_crystal.size_min                    ? 
_exptl_crystal.size_rad                    ? 
_exptl_crystal.colour_lustre               ? 
_exptl_crystal.colour_modifier             ? 
_exptl_crystal.colour_primary              ? 
_exptl_crystal.density_meas                ? 
_exptl_crystal.density_meas_esd            ? 
_exptl_crystal.density_meas_gt             ? 
_exptl_crystal.density_meas_lt             ? 
_exptl_crystal.density_meas_temp           ? 
_exptl_crystal.density_meas_temp_esd       ? 
_exptl_crystal.density_meas_temp_gt        ? 
_exptl_crystal.density_meas_temp_lt        ? 
_exptl_crystal.pdbx_crystal_image_url      ? 
_exptl_crystal.pdbx_crystal_image_format   ? 
_exptl_crystal.pdbx_mosaicity              ? 
_exptl_crystal.pdbx_mosaicity_esd          ? 
# 
_exptl_crystal_grow.apparatus       ? 
_exptl_crystal_grow.atmosphere      ? 
_exptl_crystal_grow.crystal_id      1 
_exptl_crystal_grow.details         ? 
_exptl_crystal_grow.method          'VAPOR DIFFUSION, SITTING DROP' 
_exptl_crystal_grow.method_ref      ? 
_exptl_crystal_grow.pH              ? 
_exptl_crystal_grow.pressure        ? 
_exptl_crystal_grow.pressure_esd    ? 
_exptl_crystal_grow.seeding         ? 
_exptl_crystal_grow.seeding_ref     ? 
_exptl_crystal_grow.temp            293 
_exptl_crystal_grow.temp_details    ? 
_exptl_crystal_grow.temp_esd        ? 
_exptl_crystal_grow.time            ? 
_exptl_crystal_grow.pdbx_details    'sodium cacodylate, spermine tetrahydrochloride, 2-methyl-2,4-pentanediol, strontium chloride' 
_exptl_crystal_grow.pdbx_pH_range   ? 
# 
_diffrn.ambient_environment    ? 
_diffrn.ambient_temp           100 
_diffrn.ambient_temp_details   ? 
_diffrn.ambient_temp_esd       ? 
_diffrn.crystal_id             1 
_diffrn.crystal_support        ? 
_diffrn.crystal_treatment      ? 
_diffrn.details                ? 
_diffrn.id                     1 
_diffrn.ambient_pressure       ? 
_diffrn.ambient_pressure_esd   ? 
_diffrn.ambient_pressure_gt    ? 
_diffrn.ambient_pressure_lt    ? 
_diffrn.ambient_temp_gt        ? 
_diffrn.ambient_temp_lt        ? 
# 
_diffrn_detector.details                      ? 
_diffrn_detector.detector                     CCD 
_diffrn_detector.diffrn_id                    1 
_diffrn_detector.type                         'ADSC QUANTUM 315r' 
_diffrn_detector.area_resol_mean              ? 
_diffrn_detector.dtime                        ? 
_diffrn_detector.pdbx_frames_total            ? 
_diffrn_detector.pdbx_collection_time_total   ? 
_diffrn_detector.pdbx_collection_date         2013-10-27 
# 
_diffrn_radiation.collimation                      ? 
_diffrn_radiation.diffrn_id                        1 
_diffrn_radiation.filter_edge                      ? 
_diffrn_radiation.inhomogeneity                    ? 
_diffrn_radiation.monochromator                    ? 
_diffrn_radiation.polarisn_norm                    ? 
_diffrn_radiation.polarisn_ratio                   ? 
_diffrn_radiation.probe                            ? 
_diffrn_radiation.type                             ? 
_diffrn_radiation.xray_symbol                      ? 
_diffrn_radiation.wavelength_id                    1 
_diffrn_radiation.pdbx_monochromatic_or_laue_m_l   M 
_diffrn_radiation.pdbx_wavelength_list             ? 
_diffrn_radiation.pdbx_wavelength                  ? 
_diffrn_radiation.pdbx_diffrn_protocol             'SINGLE WAVELENGTH' 
_diffrn_radiation.pdbx_analyzer                    ? 
_diffrn_radiation.pdbx_scattering_type             x-ray 
# 
_diffrn_radiation_wavelength.id           1 
_diffrn_radiation_wavelength.wavelength   0.91972 
_diffrn_radiation_wavelength.wt           1.0 
# 
_diffrn_source.current                     ? 
_diffrn_source.details                     ? 
_diffrn_source.diffrn_id                   1 
_diffrn_source.power                       ? 
_diffrn_source.size                        ? 
_diffrn_source.source                      SYNCHROTRON 
_diffrn_source.target                      ? 
_diffrn_source.type                        'PHOTON FACTORY BEAMLINE BL-5A' 
_diffrn_source.voltage                     ? 
_diffrn_source.take-off_angle              ? 
_diffrn_source.pdbx_wavelength_list        0.91972 
_diffrn_source.pdbx_wavelength             ? 
_diffrn_source.pdbx_synchrotron_beamline   BL-5A 
_diffrn_source.pdbx_synchrotron_site       'Photon Factory' 
# 
_reflns.B_iso_Wilson_estimate            101.310 
_reflns.entry_id                         5XWG 
_reflns.data_reduction_details           ? 
_reflns.data_reduction_method            ? 
_reflns.d_resolution_high                3.002 
_reflns.d_resolution_low                 56.953 
_reflns.details                          ? 
_reflns.limit_h_max                      ? 
_reflns.limit_h_min                      ? 
_reflns.limit_k_max                      ? 
_reflns.limit_k_min                      ? 
_reflns.limit_l_max                      ? 
_reflns.limit_l_min                      ? 
_reflns.number_all                       ? 
_reflns.number_obs                       3373 
_reflns.observed_criterion               ? 
_reflns.observed_criterion_F_max         ? 
_reflns.observed_criterion_F_min         ? 
_reflns.observed_criterion_I_max         ? 
_reflns.observed_criterion_I_min         ? 
_reflns.observed_criterion_sigma_F       ? 
_reflns.observed_criterion_sigma_I       ? 
_reflns.percent_possible_obs             99.6 
_reflns.R_free_details                   ? 
_reflns.Rmerge_F_all                     ? 
_reflns.Rmerge_F_obs                     ? 
_reflns.Friedel_coverage                 ? 
_reflns.number_gt                        ? 
_reflns.threshold_expression             ? 
_reflns.pdbx_redundancy                  11.1 
_reflns.pdbx_Rmerge_I_obs                ? 
_reflns.pdbx_Rmerge_I_all                ? 
_reflns.pdbx_Rsym_value                  ? 
_reflns.pdbx_netI_over_av_sigmaI         ? 
_reflns.pdbx_netI_over_sigmaI            19.3 
_reflns.pdbx_res_netI_over_av_sigmaI_2   ? 
_reflns.pdbx_res_netI_over_sigmaI_2      ? 
_reflns.pdbx_chi_squared                 ? 
_reflns.pdbx_scaling_rejects             ? 
_reflns.pdbx_d_res_high_opt              ? 
_reflns.pdbx_d_res_low_opt               ? 
_reflns.pdbx_d_res_opt_method            ? 
_reflns.phase_calculation_details        ? 
_reflns.pdbx_Rrim_I_all                  ? 
_reflns.pdbx_Rpim_I_all                  ? 
_reflns.pdbx_d_opt                       ? 
_reflns.pdbx_number_measured_all         ? 
_reflns.pdbx_diffrn_id                   1 
_reflns.pdbx_ordinal                     1 
_reflns.pdbx_CC_half                     ? 
_reflns.pdbx_R_split                     ? 
# 
_reflns_shell.d_res_high                  3.0 
_reflns_shell.d_res_low                   3.1 
_reflns_shell.meanI_over_sigI_all         ? 
_reflns_shell.meanI_over_sigI_obs         ? 
_reflns_shell.number_measured_all         ? 
_reflns_shell.number_measured_obs         ? 
_reflns_shell.number_possible             ? 
_reflns_shell.number_unique_all           ? 
_reflns_shell.number_unique_obs           ? 
_reflns_shell.percent_possible_all        100.0 
_reflns_shell.percent_possible_obs        ? 
_reflns_shell.Rmerge_F_all                ? 
_reflns_shell.Rmerge_F_obs                ? 
_reflns_shell.Rmerge_I_all                ? 
_reflns_shell.Rmerge_I_obs                0.337 
_reflns_shell.meanI_over_sigI_gt          ? 
_reflns_shell.meanI_over_uI_all           ? 
_reflns_shell.meanI_over_uI_gt            ? 
_reflns_shell.number_measured_gt          ? 
_reflns_shell.number_unique_gt            ? 
_reflns_shell.percent_possible_gt         ? 
_reflns_shell.Rmerge_F_gt                 ? 
_reflns_shell.Rmerge_I_gt                 ? 
_reflns_shell.pdbx_redundancy             11.4 
_reflns_shell.pdbx_Rsym_value             ? 
_reflns_shell.pdbx_chi_squared            ? 
_reflns_shell.pdbx_netI_over_sigmaI_all   ? 
_reflns_shell.pdbx_netI_over_sigmaI_obs   ? 
_reflns_shell.pdbx_Rrim_I_all             ? 
_reflns_shell.pdbx_Rpim_I_all             ? 
_reflns_shell.pdbx_rejects                ? 
_reflns_shell.pdbx_ordinal                1 
_reflns_shell.pdbx_diffrn_id              1 
_reflns_shell.pdbx_CC_half                ? 
_reflns_shell.pdbx_R_split                ? 
# 
_refine.aniso_B[1][1]                            ? 
_refine.aniso_B[1][2]                            ? 
_refine.aniso_B[1][3]                            ? 
_refine.aniso_B[2][2]                            ? 
_refine.aniso_B[2][3]                            ? 
_refine.aniso_B[3][3]                            ? 
_refine.B_iso_max                                154.060 
_refine.B_iso_mean                               90.5200 
_refine.B_iso_min                                60.700 
_refine.correlation_coeff_Fo_to_Fc               ? 
_refine.correlation_coeff_Fo_to_Fc_free          ? 
_refine.details                                  
'The entry contains friedel pairs in F_plus/minus columns and I_plus/minus columns' 
_refine.diff_density_max                         ? 
_refine.diff_density_max_esd                     ? 
_refine.diff_density_min                         ? 
_refine.diff_density_min_esd                     ? 
_refine.diff_density_rms                         ? 
_refine.diff_density_rms_esd                     ? 
_refine.entry_id                                 5XWG 
_refine.pdbx_refine_id                           'X-RAY DIFFRACTION' 
_refine.ls_abs_structure_details                 ? 
_refine.ls_abs_structure_Flack                   ? 
_refine.ls_abs_structure_Flack_esd               ? 
_refine.ls_abs_structure_Rogers                  ? 
_refine.ls_abs_structure_Rogers_esd              ? 
_refine.ls_d_res_high                            3.0020 
_refine.ls_d_res_low                             21.5260 
_refine.ls_extinction_coef                       ? 
_refine.ls_extinction_coef_esd                   ? 
_refine.ls_extinction_expression                 ? 
_refine.ls_extinction_method                     ? 
_refine.ls_goodness_of_fit_all                   ? 
_refine.ls_goodness_of_fit_all_esd               ? 
_refine.ls_goodness_of_fit_obs                   ? 
_refine.ls_goodness_of_fit_obs_esd               ? 
_refine.ls_hydrogen_treatment                    ? 
_refine.ls_matrix_type                           ? 
_refine.ls_number_constraints                    ? 
_refine.ls_number_parameters                     ? 
_refine.ls_number_reflns_all                     ? 
_refine.ls_number_reflns_obs                     3364 
_refine.ls_number_reflns_R_free                  305 
_refine.ls_number_reflns_R_work                  ? 
_refine.ls_number_restraints                     ? 
_refine.ls_percent_reflns_obs                    99.5300 
_refine.ls_percent_reflns_R_free                 9.0700 
_refine.ls_R_factor_all                          ? 
_refine.ls_R_factor_obs                          0.2177 
_refine.ls_R_factor_R_free                       0.2255 
_refine.ls_R_factor_R_free_error                 ? 
_refine.ls_R_factor_R_free_error_details         ? 
_refine.ls_R_factor_R_work                       0.2170 
_refine.ls_R_Fsqd_factor_obs                     ? 
_refine.ls_R_I_factor_obs                        ? 
_refine.ls_redundancy_reflns_all                 ? 
_refine.ls_redundancy_reflns_obs                 ? 
_refine.ls_restrained_S_all                      ? 
_refine.ls_restrained_S_obs                      ? 
_refine.ls_shift_over_esd_max                    ? 
_refine.ls_shift_over_esd_mean                   ? 
_refine.ls_structure_factor_coef                 ? 
_refine.ls_weighting_details                     ? 
_refine.ls_weighting_scheme                      ? 
_refine.ls_wR_factor_all                         ? 
_refine.ls_wR_factor_obs                         ? 
_refine.ls_wR_factor_R_free                      ? 
_refine.ls_wR_factor_R_work                      ? 
_refine.occupancy_max                            ? 
_refine.occupancy_min                            ? 
_refine.solvent_model_details                    ? 
_refine.solvent_model_param_bsol                 ? 
_refine.solvent_model_param_ksol                 ? 
_refine.ls_R_factor_gt                           ? 
_refine.ls_goodness_of_fit_gt                    ? 
_refine.ls_goodness_of_fit_ref                   ? 
_refine.ls_shift_over_su_max                     ? 
_refine.ls_shift_over_su_max_lt                  ? 
_refine.ls_shift_over_su_mean                    ? 
_refine.ls_shift_over_su_mean_lt                 ? 
_refine.pdbx_ls_sigma_I                          ? 
_refine.pdbx_ls_sigma_F                          1.990 
_refine.pdbx_ls_sigma_Fsqd                       ? 
_refine.pdbx_data_cutoff_high_absF               ? 
_refine.pdbx_data_cutoff_high_rms_absF           ? 
_refine.pdbx_data_cutoff_low_absF                ? 
_refine.pdbx_isotropic_thermal_model             ? 
_refine.pdbx_ls_cross_valid_method               'FREE R-VALUE' 
_refine.pdbx_method_to_determine_struct          ? 
_refine.pdbx_starting_model                      ? 
_refine.pdbx_stereochemistry_target_values       ? 
_refine.pdbx_R_Free_selection_details            ? 
_refine.pdbx_stereochem_target_val_spec_case     ? 
_refine.pdbx_overall_ESU_R                       ? 
_refine.pdbx_overall_ESU_R_Free                  ? 
_refine.pdbx_solvent_vdw_probe_radii             1.1100 
_refine.pdbx_solvent_ion_probe_radii             ? 
_refine.pdbx_solvent_shrinkage_radii             0.9000 
_refine.pdbx_real_space_R                        ? 
_refine.pdbx_density_correlation                 ? 
_refine.pdbx_pd_number_of_powder_patterns        ? 
_refine.pdbx_pd_number_of_points                 ? 
_refine.pdbx_pd_meas_number_of_points            ? 
_refine.pdbx_pd_proc_ls_prof_R_factor            ? 
_refine.pdbx_pd_proc_ls_prof_wR_factor           ? 
_refine.pdbx_pd_Marquardt_correlation_coeff      ? 
_refine.pdbx_pd_Fsqrd_R_factor                   ? 
_refine.pdbx_pd_ls_matrix_band_width             ? 
_refine.pdbx_overall_phase_error                 27.8900 
_refine.pdbx_overall_SU_R_free_Cruickshank_DPI   ? 
_refine.pdbx_overall_SU_R_free_Blow_DPI          ? 
_refine.pdbx_overall_SU_R_Blow_DPI               ? 
_refine.pdbx_TLS_residual_ADP_flag               ? 
_refine.pdbx_diffrn_id                           1 
_refine.overall_SU_B                             ? 
_refine.overall_SU_ML                            0.3100 
_refine.overall_SU_R_Cruickshank_DPI             ? 
_refine.overall_SU_R_free                        ? 
_refine.overall_FOM_free_R_set                   ? 
_refine.overall_FOM_work_R_set                   ? 
_refine.pdbx_average_fsc_overall                 ? 
_refine.pdbx_average_fsc_work                    ? 
_refine.pdbx_average_fsc_free                    ? 
# 
_refine_hist.cycle_id                         final 
_refine_hist.pdbx_refine_id                   'X-RAY DIFFRACTION' 
_refine_hist.d_res_high                       3.0020 
_refine_hist.d_res_low                        21.5260 
_refine_hist.pdbx_number_atoms_ligand         3 
_refine_hist.number_atoms_solvent             0 
_refine_hist.number_atoms_total               323 
_refine_hist.pdbx_number_residues_total       15 
_refine_hist.pdbx_B_iso_mean_ligand           133.35 
_refine_hist.pdbx_number_atoms_protein        0 
_refine_hist.pdbx_number_atoms_nucleic_acid   320 
# 
loop_
_refine_ls_restr.pdbx_refine_id 
_refine_ls_restr.criterion 
_refine_ls_restr.dev_ideal 
_refine_ls_restr.dev_ideal_target 
_refine_ls_restr.number 
_refine_ls_restr.rejects 
_refine_ls_restr.type 
_refine_ls_restr.weight 
_refine_ls_restr.pdbx_restraint_function 
'X-RAY DIFFRACTION' ? 0.014 ? 379 ? f_bond_d           ? ? 
'X-RAY DIFFRACTION' ? 1.439 ? 588 ? f_angle_d          ? ? 
'X-RAY DIFFRACTION' ? 0.163 ? 79  ? f_chiral_restr     ? ? 
'X-RAY DIFFRACTION' ? 0.025 ? 16  ? f_plane_restr      ? ? 
'X-RAY DIFFRACTION' ? 9.368 ? 183 ? f_dihedral_angle_d ? ? 
# 
loop_
_refine_ls_shell.pdbx_refine_id 
_refine_ls_shell.d_res_high 
_refine_ls_shell.d_res_low 
_refine_ls_shell.number_reflns_all 
_refine_ls_shell.number_reflns_obs 
_refine_ls_shell.number_reflns_R_free 
_refine_ls_shell.number_reflns_R_work 
_refine_ls_shell.percent_reflns_obs 
_refine_ls_shell.percent_reflns_R_free 
_refine_ls_shell.R_factor_all 
_refine_ls_shell.R_factor_obs 
_refine_ls_shell.R_factor_R_free 
_refine_ls_shell.R_factor_R_free_error 
_refine_ls_shell.R_factor_R_work 
_refine_ls_shell.redundancy_reflns_all 
_refine_ls_shell.redundancy_reflns_obs 
_refine_ls_shell.wR_factor_all 
_refine_ls_shell.wR_factor_obs 
_refine_ls_shell.wR_factor_R_free 
_refine_ls_shell.wR_factor_R_work 
_refine_ls_shell.pdbx_total_number_of_bins_used 
_refine_ls_shell.pdbx_phase_error 
_refine_ls_shell.pdbx_fsc_work 
_refine_ls_shell.pdbx_fsc_free 
'X-RAY DIFFRACTION' 3.0017 3.7785  1671 . 124 1547 100.0000 . . . 0.2132 0.0000 0.2259 . . . . . . 2 . . . 
'X-RAY DIFFRACTION' 3.7785 21.5269 1693 . 181 1512 99.0000  . . . 0.2281 0.0000 0.2145 . . . . . . 2 . . . 
# 
_struct.entry_id                     5XWG 
_struct.title                        'Crystal structure of a novel RNA motif that allows for precise positioning of a metal ion' 
_struct.pdbx_model_details           ? 
_struct.pdbx_formula_weight          ? 
_struct.pdbx_formula_weight_method   ? 
_struct.pdbx_model_type_details      ? 
_struct.pdbx_CASP_flag               N 
# 
_struct_keywords.entry_id        5XWG 
_struct_keywords.text            'RNA, metal-ion-binding motif, X-ray analysis' 
_struct_keywords.pdbx_keywords   RNA 
# 
loop_
_struct_asym.id 
_struct_asym.pdbx_blank_PDB_chainid_flag 
_struct_asym.pdbx_modified 
_struct_asym.entity_id 
_struct_asym.details 
A N N 1 ? 
B N N 2 ? 
C N N 2 ? 
D N N 2 ? 
# 
_struct_ref.id                         1 
_struct_ref.db_name                    PDB 
_struct_ref.db_code                    5XWG 
_struct_ref.pdbx_db_accession          5XWG 
_struct_ref.pdbx_db_isoform            ? 
_struct_ref.entity_id                  1 
_struct_ref.pdbx_seq_one_letter_code   ? 
_struct_ref.pdbx_align_begin           1 
# 
_struct_ref_seq.align_id                      1 
_struct_ref_seq.ref_id                        1 
_struct_ref_seq.pdbx_PDB_id_code              5XWG 
_struct_ref_seq.pdbx_strand_id                A 
_struct_ref_seq.seq_align_beg                 1 
_struct_ref_seq.pdbx_seq_align_beg_ins_code   ? 
_struct_ref_seq.seq_align_end                 15 
_struct_ref_seq.pdbx_seq_align_end_ins_code   ? 
_struct_ref_seq.pdbx_db_accession             5XWG 
_struct_ref_seq.db_align_beg                  5 
_struct_ref_seq.pdbx_db_align_beg_ins_code    ? 
_struct_ref_seq.db_align_end                  19 
_struct_ref_seq.pdbx_db_align_end_ins_code    ? 
_struct_ref_seq.pdbx_auth_seq_align_beg       5 
_struct_ref_seq.pdbx_auth_seq_align_end       19 
# 
_pdbx_struct_assembly.id                   1 
_pdbx_struct_assembly.details              author_and_software_defined_assembly 
_pdbx_struct_assembly.method_details       PISA 
_pdbx_struct_assembly.oligomeric_details   dimeric 
_pdbx_struct_assembly.oligomeric_count     2 
# 
loop_
_pdbx_struct_assembly_prop.biol_id 
_pdbx_struct_assembly_prop.type 
_pdbx_struct_assembly_prop.value 
_pdbx_struct_assembly_prop.details 
1 'ABSA (A^2)' 3710 ? 
1 MORE         -136 ? 
1 'SSA (A^2)'  5440 ? 
# 
_pdbx_struct_assembly_gen.assembly_id       1 
_pdbx_struct_assembly_gen.oper_expression   1,2 
_pdbx_struct_assembly_gen.asym_id_list      A,B,C,D 
# 
_pdbx_struct_assembly_auth_evidence.id                     1 
_pdbx_struct_assembly_auth_evidence.assembly_id            1 
_pdbx_struct_assembly_auth_evidence.experimental_support   none 
_pdbx_struct_assembly_auth_evidence.details                ? 
# 
loop_
_pdbx_struct_oper_list.id 
_pdbx_struct_oper_list.type 
_pdbx_struct_oper_list.name 
_pdbx_struct_oper_list.symmetry_operation 
_pdbx_struct_oper_list.matrix[1][1] 
_pdbx_struct_oper_list.matrix[1][2] 
_pdbx_struct_oper_list.matrix[1][3] 
_pdbx_struct_oper_list.vector[1] 
_pdbx_struct_oper_list.matrix[2][1] 
_pdbx_struct_oper_list.matrix[2][2] 
_pdbx_struct_oper_list.matrix[2][3] 
_pdbx_struct_oper_list.vector[2] 
_pdbx_struct_oper_list.matrix[3][1] 
_pdbx_struct_oper_list.matrix[3][2] 
_pdbx_struct_oper_list.matrix[3][3] 
_pdbx_struct_oper_list.vector[3] 
1 'identity operation'         1_555  x,y,z         1.0000000000  0.0000000000  0.0000000000 0.0000000000  0.0000000000  1.0000000000  0.0000000000  0.0000000000 0.0000000000 0.0000000000  1.0000000000 0.0000000000 
2 'crystal symmetry operation' 14_445 -x-1,-y-1/2,z -0.8082215967 -0.3231782114 0.4922740033 -2.0941657486 -0.3231782114 -0.4553914595 -0.8295628140 4.3667169295 0.4922740033 -0.8295628140 0.2636130561 3.6825904243 
# 
loop_
_struct_conn.id 
_struct_conn.conn_type_id 
_struct_conn.pdbx_leaving_atom_flag 
_struct_conn.pdbx_PDB_id 
_struct_conn.ptnr1_label_asym_id 
_struct_conn.ptnr1_label_comp_id 
_struct_conn.ptnr1_label_seq_id 
_struct_conn.ptnr1_label_atom_id 
_struct_conn.pdbx_ptnr1_label_alt_id 
_struct_conn.pdbx_ptnr1_PDB_ins_code 
_struct_conn.pdbx_ptnr1_standard_comp_id 
_struct_conn.ptnr1_symmetry 
_struct_conn.ptnr2_label_asym_id 
_struct_conn.ptnr2_label_comp_id 
_struct_conn.ptnr2_label_seq_id 
_struct_conn.ptnr2_label_atom_id 
_struct_conn.pdbx_ptnr2_label_alt_id 
_struct_conn.pdbx_ptnr2_PDB_ins_code 
_struct_conn.ptnr1_auth_asym_id 
_struct_conn.ptnr1_auth_comp_id 
_struct_conn.ptnr1_auth_seq_id 
_struct_conn.ptnr2_auth_asym_id 
_struct_conn.ptnr2_auth_comp_id 
_struct_conn.ptnr2_auth_seq_id 
_struct_conn.ptnr2_symmetry 
_struct_conn.pdbx_ptnr3_label_atom_id 
_struct_conn.pdbx_ptnr3_label_seq_id 
_struct_conn.pdbx_ptnr3_label_comp_id 
_struct_conn.pdbx_ptnr3_label_asym_id 
_struct_conn.pdbx_ptnr3_label_alt_id 
_struct_conn.pdbx_ptnr3_PDB_ins_code 
_struct_conn.details 
_struct_conn.pdbx_dist_value 
_struct_conn.pdbx_value_order 
_struct_conn.pdbx_role 
covale1  covale both ? A U   4  "O3'" ? ? ? 1_555 A 5BU 5  P  ? ? A U   8  A 5BU 9   1_555  ? ? ? ? ? ? ?             1.614 ? ? 
covale2  covale both ? A 5BU 5  "O3'" ? ? ? 1_555 A C   6  P  ? ? A 5BU 9  A C   10  1_555  ? ? ? ? ? ? ?             1.605 ? ? 
metalc1  metalc ?    ? A C   15 "O3'" ? ? ? 1_555 B SR  .  SR ? ? A C   19 A SR  101 1_555  ? ? ? ? ? ? ?             2.952 ? ? 
metalc2  metalc ?    ? A C   15 "O2'" ? ? ? 1_555 B SR  .  SR ? ? A C   19 A SR  101 1_555  ? ? ? ? ? ? ?             2.541 ? ? 
hydrog1  hydrog ?    ? A G   2  N1    ? ? ? 1_555 A U   14 O2 ? ? A G   6  A U   18  14_445 ? ? ? ? ? ? TYPE_28_PAIR  ?     ? ? 
hydrog2  hydrog ?    ? A G   2  O6    ? ? ? 1_555 A U   14 N3 ? ? A G   6  A U   18  14_445 ? ? ? ? ? ? TYPE_28_PAIR  ?     ? ? 
hydrog3  hydrog ?    ? A C   3  N3    ? ? ? 1_555 A G   13 N1 ? ? A C   7  A G   17  14_445 ? ? ? ? ? ? WATSON-CRICK  ?     ? ? 
hydrog4  hydrog ?    ? A C   3  N4    ? ? ? 1_555 A G   13 O6 ? ? A C   7  A G   17  14_445 ? ? ? ? ? ? WATSON-CRICK  ?     ? ? 
hydrog5  hydrog ?    ? A C   3  O2    ? ? ? 1_555 A G   13 N2 ? ? A C   7  A G   17  14_445 ? ? ? ? ? ? WATSON-CRICK  ?     ? ? 
hydrog6  hydrog ?    ? A U   4  N3    ? ? ? 1_555 A A   12 N1 ? ? A U   8  A A   16  14_445 ? ? ? ? ? ? WATSON-CRICK  ?     ? ? 
hydrog7  hydrog ?    ? A U   4  O4    ? ? ? 1_555 A A   12 N6 ? ? A U   8  A A   16  14_445 ? ? ? ? ? ? WATSON-CRICK  ?     ? ? 
hydrog8  hydrog ?    ? A 5BU 5  N3    ? ? ? 1_555 A A   11 N1 ? ? A 5BU 9  A A   15  14_445 ? ? ? ? ? ? WATSON-CRICK  ?     ? ? 
hydrog9  hydrog ?    ? A 5BU 5  O4    ? ? ? 1_555 A A   11 N6 ? ? A 5BU 9  A A   15  14_445 ? ? ? ? ? ? WATSON-CRICK  ?     ? ? 
hydrog10 hydrog ?    ? A C   6  N3    ? ? ? 1_555 A A   10 N6 ? ? A C   10 A A   14  14_445 ? ? ? ? ? ? 'C-A MISPAIR' ?     ? ? 
hydrog11 hydrog ?    ? A G   7  N2    ? ? ? 1_555 A A   9  N7 ? ? A G   11 A A   13  14_445 ? ? ? ? ? ? TYPE_11_PAIR  ?     ? ? 
hydrog12 hydrog ?    ? A G   7  N3    ? ? ? 1_555 A A   9  N6 ? ? A G   11 A A   13  14_445 ? ? ? ? ? ? TYPE_11_PAIR  ?     ? ? 
hydrog13 hydrog ?    ? A A   8  N7    ? ? ? 1_555 A G   7  N2 ? ? A A   12 A G   11  14_445 ? ? ? ? ? ? 'A-G MISPAIR' ?     ? ? 
hydrog14 hydrog ?    ? A A   9  N6    ? ? ? 1_555 A G   7  N3 ? ? A A   13 A G   11  14_445 ? ? ? ? ? ? TYPE_11_PAIR  ?     ? ? 
hydrog15 hydrog ?    ? A A   9  N7    ? ? ? 1_555 A G   7  N2 ? ? A A   13 A G   11  14_445 ? ? ? ? ? ? TYPE_11_PAIR  ?     ? ? 
hydrog16 hydrog ?    ? A A   10 N6    ? ? ? 1_555 A C   6  N3 ? ? A A   14 A C   10  14_445 ? ? ? ? ? ? 'A-C MISPAIR' ?     ? ? 
hydrog17 hydrog ?    ? A A   11 N1    ? ? ? 1_555 A 5BU 5  N3 ? ? A A   15 A 5BU 9   14_445 ? ? ? ? ? ? WATSON-CRICK  ?     ? ? 
hydrog18 hydrog ?    ? A A   11 N6    ? ? ? 1_555 A 5BU 5  O4 ? ? A A   15 A 5BU 9   14_445 ? ? ? ? ? ? WATSON-CRICK  ?     ? ? 
hydrog19 hydrog ?    ? A A   12 N1    ? ? ? 1_555 A U   4  N3 ? ? A A   16 A U   8   14_445 ? ? ? ? ? ? WATSON-CRICK  ?     ? ? 
hydrog20 hydrog ?    ? A A   12 N6    ? ? ? 1_555 A U   4  O4 ? ? A A   16 A U   8   14_445 ? ? ? ? ? ? WATSON-CRICK  ?     ? ? 
hydrog21 hydrog ?    ? A G   13 N1    ? ? ? 1_555 A C   3  N3 ? ? A G   17 A C   7   14_445 ? ? ? ? ? ? WATSON-CRICK  ?     ? ? 
hydrog22 hydrog ?    ? A G   13 N2    ? ? ? 1_555 A C   3  O2 ? ? A G   17 A C   7   14_445 ? ? ? ? ? ? WATSON-CRICK  ?     ? ? 
hydrog23 hydrog ?    ? A G   13 O6    ? ? ? 1_555 A C   3  N4 ? ? A G   17 A C   7   14_445 ? ? ? ? ? ? WATSON-CRICK  ?     ? ? 
hydrog24 hydrog ?    ? A U   14 N3    ? ? ? 1_555 A G   2  O6 ? ? A U   18 A G   6   14_445 ? ? ? ? ? ? TYPE_28_PAIR  ?     ? ? 
hydrog25 hydrog ?    ? A U   14 O2    ? ? ? 1_555 A G   2  N1 ? ? A U   18 A G   6   14_445 ? ? ? ? ? ? TYPE_28_PAIR  ?     ? ? 
# 
loop_
_struct_conn_type.id 
_struct_conn_type.criteria 
_struct_conn_type.reference 
covale ? ? 
metalc ? ? 
hydrog ? ? 
# 
_pdbx_struct_conn_angle.id                    1 
_pdbx_struct_conn_angle.ptnr1_label_atom_id   "O3'" 
_pdbx_struct_conn_angle.ptnr1_label_alt_id    ? 
_pdbx_struct_conn_angle.ptnr1_label_asym_id   A 
_pdbx_struct_conn_angle.ptnr1_label_comp_id   C 
_pdbx_struct_conn_angle.ptnr1_label_seq_id    15 
_pdbx_struct_conn_angle.ptnr1_auth_atom_id    ? 
_pdbx_struct_conn_angle.ptnr1_auth_asym_id    A 
_pdbx_struct_conn_angle.ptnr1_auth_comp_id    C 
_pdbx_struct_conn_angle.ptnr1_auth_seq_id     19 
_pdbx_struct_conn_angle.ptnr1_PDB_ins_code    ? 
_pdbx_struct_conn_angle.ptnr1_symmetry        1_555 
_pdbx_struct_conn_angle.ptnr2_label_atom_id   SR 
_pdbx_struct_conn_angle.ptnr2_label_alt_id    ? 
_pdbx_struct_conn_angle.ptnr2_label_asym_id   B 
_pdbx_struct_conn_angle.ptnr2_label_comp_id   SR 
_pdbx_struct_conn_angle.ptnr2_label_seq_id    . 
_pdbx_struct_conn_angle.ptnr2_auth_atom_id    ? 
_pdbx_struct_conn_angle.ptnr2_auth_asym_id    A 
_pdbx_struct_conn_angle.ptnr2_auth_comp_id    SR 
_pdbx_struct_conn_angle.ptnr2_auth_seq_id     101 
_pdbx_struct_conn_angle.ptnr2_PDB_ins_code    ? 
_pdbx_struct_conn_angle.ptnr2_symmetry        1_555 
_pdbx_struct_conn_angle.ptnr3_label_atom_id   "O2'" 
_pdbx_struct_conn_angle.ptnr3_label_alt_id    ? 
_pdbx_struct_conn_angle.ptnr3_label_asym_id   A 
_pdbx_struct_conn_angle.ptnr3_label_comp_id   C 
_pdbx_struct_conn_angle.ptnr3_label_seq_id    15 
_pdbx_struct_conn_angle.ptnr3_auth_atom_id    ? 
_pdbx_struct_conn_angle.ptnr3_auth_asym_id    A 
_pdbx_struct_conn_angle.ptnr3_auth_comp_id    C 
_pdbx_struct_conn_angle.ptnr3_auth_seq_id     19 
_pdbx_struct_conn_angle.ptnr3_PDB_ins_code    ? 
_pdbx_struct_conn_angle.ptnr3_symmetry        1_555 
_pdbx_struct_conn_angle.value                 63.4 
_pdbx_struct_conn_angle.value_esd             ? 
# 
_struct_site.id                   AC1 
_struct_site.pdbx_evidence_code   Software 
_struct_site.pdbx_auth_asym_id    A 
_struct_site.pdbx_auth_comp_id    SR 
_struct_site.pdbx_auth_seq_id     101 
_struct_site.pdbx_auth_ins_code   ? 
_struct_site.pdbx_num_residues    1 
_struct_site.details              'binding site for residue SR A 101' 
# 
_struct_site_gen.id                   1 
_struct_site_gen.site_id              AC1 
_struct_site_gen.pdbx_num_res         1 
_struct_site_gen.label_comp_id        C 
_struct_site_gen.label_asym_id        A 
_struct_site_gen.label_seq_id         15 
_struct_site_gen.pdbx_auth_ins_code   ? 
_struct_site_gen.auth_comp_id         C 
_struct_site_gen.auth_asym_id         A 
_struct_site_gen.auth_seq_id          19 
_struct_site_gen.label_atom_id        . 
_struct_site_gen.label_alt_id         ? 
_struct_site_gen.symmetry             1_555 
_struct_site_gen.details              ? 
# 
loop_
_pdbx_struct_special_symmetry.id 
_pdbx_struct_special_symmetry.PDB_model_num 
_pdbx_struct_special_symmetry.auth_asym_id 
_pdbx_struct_special_symmetry.auth_comp_id 
_pdbx_struct_special_symmetry.auth_seq_id 
_pdbx_struct_special_symmetry.PDB_ins_code 
_pdbx_struct_special_symmetry.label_asym_id 
_pdbx_struct_special_symmetry.label_comp_id 
_pdbx_struct_special_symmetry.label_seq_id 
1 1 A C  5   ? A C  1 
2 1 A SR 102 ? C SR . 
# 
loop_
_chem_comp_atom.comp_id 
_chem_comp_atom.atom_id 
_chem_comp_atom.type_symbol 
_chem_comp_atom.pdbx_aromatic_flag 
_chem_comp_atom.pdbx_stereo_config 
_chem_comp_atom.pdbx_ordinal 
5BU P      P  N N 1   
5BU OP1    O  N N 2   
5BU OP2    O  N N 3   
5BU OP3    O  N N 4   
5BU "O5'"  O  N N 5   
5BU "C5'"  C  N N 6   
5BU "C4'"  C  N R 7   
5BU "O4'"  O  N N 8   
5BU "C3'"  C  N S 9   
5BU "O3'"  O  N N 10  
5BU "C2'"  C  N R 11  
5BU "O2'"  O  N N 12  
5BU "C1'"  C  N R 13  
5BU N1     N  N N 14  
5BU C2     C  N N 15  
5BU O2     O  N N 16  
5BU N3     N  N N 17  
5BU C4     C  N N 18  
5BU O4     O  N N 19  
5BU C5     C  N N 20  
5BU C6     C  N N 21  
5BU BR     BR N N 22  
5BU HOP2   H  N N 23  
5BU HOP3   H  N N 24  
5BU "H5'"  H  N N 25  
5BU "H5''" H  N N 26  
5BU "H4'"  H  N N 27  
5BU "H3'"  H  N N 28  
5BU "HO3'" H  N N 29  
5BU "H2'"  H  N N 30  
5BU "HO2'" H  N N 31  
5BU "H1'"  H  N N 32  
5BU H3     H  N N 33  
5BU H6     H  N N 34  
A   OP3    O  N N 35  
A   P      P  N N 36  
A   OP1    O  N N 37  
A   OP2    O  N N 38  
A   "O5'"  O  N N 39  
A   "C5'"  C  N N 40  
A   "C4'"  C  N R 41  
A   "O4'"  O  N N 42  
A   "C3'"  C  N S 43  
A   "O3'"  O  N N 44  
A   "C2'"  C  N R 45  
A   "O2'"  O  N N 46  
A   "C1'"  C  N R 47  
A   N9     N  Y N 48  
A   C8     C  Y N 49  
A   N7     N  Y N 50  
A   C5     C  Y N 51  
A   C6     C  Y N 52  
A   N6     N  N N 53  
A   N1     N  Y N 54  
A   C2     C  Y N 55  
A   N3     N  Y N 56  
A   C4     C  Y N 57  
A   HOP3   H  N N 58  
A   HOP2   H  N N 59  
A   "H5'"  H  N N 60  
A   "H5''" H  N N 61  
A   "H4'"  H  N N 62  
A   "H3'"  H  N N 63  
A   "HO3'" H  N N 64  
A   "H2'"  H  N N 65  
A   "HO2'" H  N N 66  
A   "H1'"  H  N N 67  
A   H8     H  N N 68  
A   H61    H  N N 69  
A   H62    H  N N 70  
A   H2     H  N N 71  
C   OP3    O  N N 72  
C   P      P  N N 73  
C   OP1    O  N N 74  
C   OP2    O  N N 75  
C   "O5'"  O  N N 76  
C   "C5'"  C  N N 77  
C   "C4'"  C  N R 78  
C   "O4'"  O  N N 79  
C   "C3'"  C  N S 80  
C   "O3'"  O  N N 81  
C   "C2'"  C  N R 82  
C   "O2'"  O  N N 83  
C   "C1'"  C  N R 84  
C   N1     N  N N 85  
C   C2     C  N N 86  
C   O2     O  N N 87  
C   N3     N  N N 88  
C   C4     C  N N 89  
C   N4     N  N N 90  
C   C5     C  N N 91  
C   C6     C  N N 92  
C   HOP3   H  N N 93  
C   HOP2   H  N N 94  
C   "H5'"  H  N N 95  
C   "H5''" H  N N 96  
C   "H4'"  H  N N 97  
C   "H3'"  H  N N 98  
C   "HO3'" H  N N 99  
C   "H2'"  H  N N 100 
C   "HO2'" H  N N 101 
C   "H1'"  H  N N 102 
C   H41    H  N N 103 
C   H42    H  N N 104 
C   H5     H  N N 105 
C   H6     H  N N 106 
G   OP3    O  N N 107 
G   P      P  N N 108 
G   OP1    O  N N 109 
G   OP2    O  N N 110 
G   "O5'"  O  N N 111 
G   "C5'"  C  N N 112 
G   "C4'"  C  N R 113 
G   "O4'"  O  N N 114 
G   "C3'"  C  N S 115 
G   "O3'"  O  N N 116 
G   "C2'"  C  N R 117 
G   "O2'"  O  N N 118 
G   "C1'"  C  N R 119 
G   N9     N  Y N 120 
G   C8     C  Y N 121 
G   N7     N  Y N 122 
G   C5     C  Y N 123 
G   C6     C  N N 124 
G   O6     O  N N 125 
G   N1     N  N N 126 
G   C2     C  N N 127 
G   N2     N  N N 128 
G   N3     N  N N 129 
G   C4     C  Y N 130 
G   HOP3   H  N N 131 
G   HOP2   H  N N 132 
G   "H5'"  H  N N 133 
G   "H5''" H  N N 134 
G   "H4'"  H  N N 135 
G   "H3'"  H  N N 136 
G   "HO3'" H  N N 137 
G   "H2'"  H  N N 138 
G   "HO2'" H  N N 139 
G   "H1'"  H  N N 140 
G   H8     H  N N 141 
G   H1     H  N N 142 
G   H21    H  N N 143 
G   H22    H  N N 144 
SR  SR     SR N N 145 
U   OP3    O  N N 146 
U   P      P  N N 147 
U   OP1    O  N N 148 
U   OP2    O  N N 149 
U   "O5'"  O  N N 150 
U   "C5'"  C  N N 151 
U   "C4'"  C  N R 152 
U   "O4'"  O  N N 153 
U   "C3'"  C  N S 154 
U   "O3'"  O  N N 155 
U   "C2'"  C  N R 156 
U   "O2'"  O  N N 157 
U   "C1'"  C  N R 158 
U   N1     N  N N 159 
U   C2     C  N N 160 
U   O2     O  N N 161 
U   N3     N  N N 162 
U   C4     C  N N 163 
U   O4     O  N N 164 
U   C5     C  N N 165 
U   C6     C  N N 166 
U   HOP3   H  N N 167 
U   HOP2   H  N N 168 
U   "H5'"  H  N N 169 
U   "H5''" H  N N 170 
U   "H4'"  H  N N 171 
U   "H3'"  H  N N 172 
U   "HO3'" H  N N 173 
U   "H2'"  H  N N 174 
U   "HO2'" H  N N 175 
U   "H1'"  H  N N 176 
U   H3     H  N N 177 
U   H5     H  N N 178 
U   H6     H  N N 179 
# 
loop_
_chem_comp_bond.comp_id 
_chem_comp_bond.atom_id_1 
_chem_comp_bond.atom_id_2 
_chem_comp_bond.value_order 
_chem_comp_bond.pdbx_aromatic_flag 
_chem_comp_bond.pdbx_stereo_config 
_chem_comp_bond.pdbx_ordinal 
5BU P     OP1    doub N N 1   
5BU P     OP2    sing N N 2   
5BU P     OP3    sing N N 3   
5BU P     "O5'"  sing N N 4   
5BU OP2   HOP2   sing N N 5   
5BU OP3   HOP3   sing N N 6   
5BU "O5'" "C5'"  sing N N 7   
5BU "C5'" "C4'"  sing N N 8   
5BU "C5'" "H5'"  sing N N 9   
5BU "C5'" "H5''" sing N N 10  
5BU "C4'" "O4'"  sing N N 11  
5BU "C4'" "C3'"  sing N N 12  
5BU "C4'" "H4'"  sing N N 13  
5BU "O4'" "C1'"  sing N N 14  
5BU "C3'" "O3'"  sing N N 15  
5BU "C3'" "C2'"  sing N N 16  
5BU "C3'" "H3'"  sing N N 17  
5BU "O3'" "HO3'" sing N N 18  
5BU "C2'" "O2'"  sing N N 19  
5BU "C2'" "C1'"  sing N N 20  
5BU "C2'" "H2'"  sing N N 21  
5BU "O2'" "HO2'" sing N N 22  
5BU "C1'" N1     sing N N 23  
5BU "C1'" "H1'"  sing N N 24  
5BU N1    C2     sing N N 25  
5BU N1    C6     sing N N 26  
5BU C2    O2     doub N N 27  
5BU C2    N3     sing N N 28  
5BU N3    C4     sing N N 29  
5BU N3    H3     sing N N 30  
5BU C4    O4     doub N N 31  
5BU C4    C5     sing N N 32  
5BU C5    C6     doub N N 33  
5BU C5    BR     sing N N 34  
5BU C6    H6     sing N N 35  
A   OP3   P      sing N N 36  
A   OP3   HOP3   sing N N 37  
A   P     OP1    doub N N 38  
A   P     OP2    sing N N 39  
A   P     "O5'"  sing N N 40  
A   OP2   HOP2   sing N N 41  
A   "O5'" "C5'"  sing N N 42  
A   "C5'" "C4'"  sing N N 43  
A   "C5'" "H5'"  sing N N 44  
A   "C5'" "H5''" sing N N 45  
A   "C4'" "O4'"  sing N N 46  
A   "C4'" "C3'"  sing N N 47  
A   "C4'" "H4'"  sing N N 48  
A   "O4'" "C1'"  sing N N 49  
A   "C3'" "O3'"  sing N N 50  
A   "C3'" "C2'"  sing N N 51  
A   "C3'" "H3'"  sing N N 52  
A   "O3'" "HO3'" sing N N 53  
A   "C2'" "O2'"  sing N N 54  
A   "C2'" "C1'"  sing N N 55  
A   "C2'" "H2'"  sing N N 56  
A   "O2'" "HO2'" sing N N 57  
A   "C1'" N9     sing N N 58  
A   "C1'" "H1'"  sing N N 59  
A   N9    C8     sing Y N 60  
A   N9    C4     sing Y N 61  
A   C8    N7     doub Y N 62  
A   C8    H8     sing N N 63  
A   N7    C5     sing Y N 64  
A   C5    C6     sing Y N 65  
A   C5    C4     doub Y N 66  
A   C6    N6     sing N N 67  
A   C6    N1     doub Y N 68  
A   N6    H61    sing N N 69  
A   N6    H62    sing N N 70  
A   N1    C2     sing Y N 71  
A   C2    N3     doub Y N 72  
A   C2    H2     sing N N 73  
A   N3    C4     sing Y N 74  
C   OP3   P      sing N N 75  
C   OP3   HOP3   sing N N 76  
C   P     OP1    doub N N 77  
C   P     OP2    sing N N 78  
C   P     "O5'"  sing N N 79  
C   OP2   HOP2   sing N N 80  
C   "O5'" "C5'"  sing N N 81  
C   "C5'" "C4'"  sing N N 82  
C   "C5'" "H5'"  sing N N 83  
C   "C5'" "H5''" sing N N 84  
C   "C4'" "O4'"  sing N N 85  
C   "C4'" "C3'"  sing N N 86  
C   "C4'" "H4'"  sing N N 87  
C   "O4'" "C1'"  sing N N 88  
C   "C3'" "O3'"  sing N N 89  
C   "C3'" "C2'"  sing N N 90  
C   "C3'" "H3'"  sing N N 91  
C   "O3'" "HO3'" sing N N 92  
C   "C2'" "O2'"  sing N N 93  
C   "C2'" "C1'"  sing N N 94  
C   "C2'" "H2'"  sing N N 95  
C   "O2'" "HO2'" sing N N 96  
C   "C1'" N1     sing N N 97  
C   "C1'" "H1'"  sing N N 98  
C   N1    C2     sing N N 99  
C   N1    C6     sing N N 100 
C   C2    O2     doub N N 101 
C   C2    N3     sing N N 102 
C   N3    C4     doub N N 103 
C   C4    N4     sing N N 104 
C   C4    C5     sing N N 105 
C   N4    H41    sing N N 106 
C   N4    H42    sing N N 107 
C   C5    C6     doub N N 108 
C   C5    H5     sing N N 109 
C   C6    H6     sing N N 110 
G   OP3   P      sing N N 111 
G   OP3   HOP3   sing N N 112 
G   P     OP1    doub N N 113 
G   P     OP2    sing N N 114 
G   P     "O5'"  sing N N 115 
G   OP2   HOP2   sing N N 116 
G   "O5'" "C5'"  sing N N 117 
G   "C5'" "C4'"  sing N N 118 
G   "C5'" "H5'"  sing N N 119 
G   "C5'" "H5''" sing N N 120 
G   "C4'" "O4'"  sing N N 121 
G   "C4'" "C3'"  sing N N 122 
G   "C4'" "H4'"  sing N N 123 
G   "O4'" "C1'"  sing N N 124 
G   "C3'" "O3'"  sing N N 125 
G   "C3'" "C2'"  sing N N 126 
G   "C3'" "H3'"  sing N N 127 
G   "O3'" "HO3'" sing N N 128 
G   "C2'" "O2'"  sing N N 129 
G   "C2'" "C1'"  sing N N 130 
G   "C2'" "H2'"  sing N N 131 
G   "O2'" "HO2'" sing N N 132 
G   "C1'" N9     sing N N 133 
G   "C1'" "H1'"  sing N N 134 
G   N9    C8     sing Y N 135 
G   N9    C4     sing Y N 136 
G   C8    N7     doub Y N 137 
G   C8    H8     sing N N 138 
G   N7    C5     sing Y N 139 
G   C5    C6     sing N N 140 
G   C5    C4     doub Y N 141 
G   C6    O6     doub N N 142 
G   C6    N1     sing N N 143 
G   N1    C2     sing N N 144 
G   N1    H1     sing N N 145 
G   C2    N2     sing N N 146 
G   C2    N3     doub N N 147 
G   N2    H21    sing N N 148 
G   N2    H22    sing N N 149 
G   N3    C4     sing N N 150 
U   OP3   P      sing N N 151 
U   OP3   HOP3   sing N N 152 
U   P     OP1    doub N N 153 
U   P     OP2    sing N N 154 
U   P     "O5'"  sing N N 155 
U   OP2   HOP2   sing N N 156 
U   "O5'" "C5'"  sing N N 157 
U   "C5'" "C4'"  sing N N 158 
U   "C5'" "H5'"  sing N N 159 
U   "C5'" "H5''" sing N N 160 
U   "C4'" "O4'"  sing N N 161 
U   "C4'" "C3'"  sing N N 162 
U   "C4'" "H4'"  sing N N 163 
U   "O4'" "C1'"  sing N N 164 
U   "C3'" "O3'"  sing N N 165 
U   "C3'" "C2'"  sing N N 166 
U   "C3'" "H3'"  sing N N 167 
U   "O3'" "HO3'" sing N N 168 
U   "C2'" "O2'"  sing N N 169 
U   "C2'" "C1'"  sing N N 170 
U   "C2'" "H2'"  sing N N 171 
U   "O2'" "HO2'" sing N N 172 
U   "C1'" N1     sing N N 173 
U   "C1'" "H1'"  sing N N 174 
U   N1    C2     sing N N 175 
U   N1    C6     sing N N 176 
U   C2    O2     doub N N 177 
U   C2    N3     sing N N 178 
U   N3    C4     sing N N 179 
U   N3    H3     sing N N 180 
U   C4    O4     doub N N 181 
U   C4    C5     sing N N 182 
U   C5    C6     doub N N 183 
U   C5    H5     sing N N 184 
U   C6    H6     sing N N 185 
# 
loop_
_ndb_struct_conf_na.entry_id 
_ndb_struct_conf_na.feature 
5XWG 'a-form double helix'  
5XWG 'mismatched base pair' 
# 
loop_
_ndb_struct_na_base_pair.model_number 
_ndb_struct_na_base_pair.i_label_asym_id 
_ndb_struct_na_base_pair.i_label_comp_id 
_ndb_struct_na_base_pair.i_label_seq_id 
_ndb_struct_na_base_pair.i_symmetry 
_ndb_struct_na_base_pair.j_label_asym_id 
_ndb_struct_na_base_pair.j_label_comp_id 
_ndb_struct_na_base_pair.j_label_seq_id 
_ndb_struct_na_base_pair.j_symmetry 
_ndb_struct_na_base_pair.shear 
_ndb_struct_na_base_pair.stretch 
_ndb_struct_na_base_pair.stagger 
_ndb_struct_na_base_pair.buckle 
_ndb_struct_na_base_pair.propeller 
_ndb_struct_na_base_pair.opening 
_ndb_struct_na_base_pair.pair_number 
_ndb_struct_na_base_pair.pair_name 
_ndb_struct_na_base_pair.i_auth_asym_id 
_ndb_struct_na_base_pair.i_auth_seq_id 
_ndb_struct_na_base_pair.i_PDB_ins_code 
_ndb_struct_na_base_pair.j_auth_asym_id 
_ndb_struct_na_base_pair.j_auth_seq_id 
_ndb_struct_na_base_pair.j_PDB_ins_code 
_ndb_struct_na_base_pair.hbond_type_28 
_ndb_struct_na_base_pair.hbond_type_12 
1 A G   2 1_555  A U 14 14_445 -2.472 -0.780 0.165  9.136  -7.678  -3.081 1  A_G6:U18_A   A 6  ? A 18 ? 28 1 
1 A C   3 1_555  A G 13 14_445 -0.227 -0.219 -0.058 7.232  -11.520 -6.160 2  A_C7:G17_A   A 7  ? A 17 ? 19 1 
1 A U   4 1_555  A A 12 14_445 0.041  -0.495 0.127  2.947  -7.786  -0.205 3  A_U8:A16_A   A 8  ? A 16 ? 20 1 
1 A 5BU 5 1_555  A A 11 14_445 -0.301 -0.165 0.102  0.962  -3.572  -1.588 4  A_5BU9:A15_A A 9  ? A 15 ? 20 1 
1 A C   6 1_555  A A 10 14_445 2.437  -0.490 0.037  8.442  -1.463  2.663  5  A_C10:A14_A  A 10 ? A 14 ? ?  1 
1 A G   7 1_555  A A 9  14_445 7.069  -4.693 1.128  15.527 -14.714 3.323  6  A_G11:A13_A  A 11 ? A 13 ? 11 9 
1 A G   2 14_445 A U 14 1_555  -2.472 -0.780 0.165  9.136  -7.678  -3.081 7  A_G6:U18_A   A 6  ? A 18 ? 28 1 
1 A C   3 14_445 A G 13 1_555  -0.227 -0.219 -0.058 7.232  -11.520 -6.160 8  A_C7:G17_A   A 7  ? A 17 ? 19 1 
1 A U   4 14_445 A A 12 1_555  0.041  -0.495 0.127  2.947  -7.786  -0.205 9  A_U8:A16_A   A 8  ? A 16 ? 20 1 
1 A 5BU 5 14_445 A A 11 1_555  -0.301 -0.165 0.102  0.962  -3.572  -1.588 10 A_5BU9:A15_A A 9  ? A 15 ? 20 1 
1 A C   6 14_445 A A 10 1_555  2.437  -0.490 0.037  8.442  -1.463  2.663  11 A_C10:A14_A  A 10 ? A 14 ? ?  1 
1 A G   7 14_445 A A 9  1_555  7.069  -4.693 1.128  15.527 -14.714 3.323  12 A_G11:A13_A  A 11 ? A 13 ? 11 9 
# 
loop_
_ndb_struct_na_base_pair_step.model_number 
_ndb_struct_na_base_pair_step.i_label_asym_id_1 
_ndb_struct_na_base_pair_step.i_label_comp_id_1 
_ndb_struct_na_base_pair_step.i_label_seq_id_1 
_ndb_struct_na_base_pair_step.i_symmetry_1 
_ndb_struct_na_base_pair_step.j_label_asym_id_1 
_ndb_struct_na_base_pair_step.j_label_comp_id_1 
_ndb_struct_na_base_pair_step.j_label_seq_id_1 
_ndb_struct_na_base_pair_step.j_symmetry_1 
_ndb_struct_na_base_pair_step.i_label_asym_id_2 
_ndb_struct_na_base_pair_step.i_label_comp_id_2 
_ndb_struct_na_base_pair_step.i_label_seq_id_2 
_ndb_struct_na_base_pair_step.i_symmetry_2 
_ndb_struct_na_base_pair_step.j_label_asym_id_2 
_ndb_struct_na_base_pair_step.j_label_comp_id_2 
_ndb_struct_na_base_pair_step.j_label_seq_id_2 
_ndb_struct_na_base_pair_step.j_symmetry_2 
_ndb_struct_na_base_pair_step.shift 
_ndb_struct_na_base_pair_step.slide 
_ndb_struct_na_base_pair_step.rise 
_ndb_struct_na_base_pair_step.tilt 
_ndb_struct_na_base_pair_step.roll 
_ndb_struct_na_base_pair_step.twist 
_ndb_struct_na_base_pair_step.x_displacement 
_ndb_struct_na_base_pair_step.y_displacement 
_ndb_struct_na_base_pair_step.helical_rise 
_ndb_struct_na_base_pair_step.inclination 
_ndb_struct_na_base_pair_step.tip 
_ndb_struct_na_base_pair_step.helical_twist 
_ndb_struct_na_base_pair_step.step_number 
_ndb_struct_na_base_pair_step.step_name 
_ndb_struct_na_base_pair_step.i_auth_asym_id_1 
_ndb_struct_na_base_pair_step.i_auth_seq_id_1 
_ndb_struct_na_base_pair_step.i_PDB_ins_code_1 
_ndb_struct_na_base_pair_step.j_auth_asym_id_1 
_ndb_struct_na_base_pair_step.j_auth_seq_id_1 
_ndb_struct_na_base_pair_step.j_PDB_ins_code_1 
_ndb_struct_na_base_pair_step.i_auth_asym_id_2 
_ndb_struct_na_base_pair_step.i_auth_seq_id_2 
_ndb_struct_na_base_pair_step.i_PDB_ins_code_2 
_ndb_struct_na_base_pair_step.j_auth_asym_id_2 
_ndb_struct_na_base_pair_step.j_auth_seq_id_2 
_ndb_struct_na_base_pair_step.j_PDB_ins_code_2 
1 A G   2 1_555  A U 14 14_445 A C   3 1_555  A G 13 14_445 -0.558 -1.226 3.199 -2.942 3.515  43.394 -1.977 0.478  3.125 4.738  
3.966  43.623 1  AA_G6C7:G17U18_AA    A 6  ? A 18 ? A 7  ? A 17 ? 
1 A C   3 1_555  A G 13 14_445 A U   4 1_555  A A 12 14_445 1.031  -2.496 3.208 0.367  7.418  29.187 -6.158 -1.918 2.524 14.429 
-0.714 30.097 2  AA_C7U8:A16G17_AA    A 7  ? A 17 ? A 8  ? A 16 ? 
1 A U   4 1_555  A A 12 14_445 A 5BU 5 1_555  A A 11 14_445 -0.715 -2.313 3.186 -0.785 7.236  30.701 -5.465 1.185  2.603 13.431 
1.457  31.532 3  AA_U85BU9:A15A16_AA  A 8  ? A 16 ? A 9  ? A 15 ? 
1 A 5BU 5 1_555  A A 11 14_445 A C   6 1_555  A A 10 14_445 0.137  -1.178 3.149 3.813  5.386  40.720 -2.221 0.193  2.977 7.679  
-5.437 41.229 4  AA_5BU9C10:A14A15_AA A 9  ? A 15 ? A 10 ? A 14 ? 
1 A C   6 1_555  A A 10 14_445 A G   7 1_555  A A 9  14_445 0.662  -0.560 3.367 7.860  11.054 52.775 -1.306 -0.231 3.258 12.208 
-8.681 54.369 5  AA_C10G11:A13A14_AA  A 10 ? A 14 ? A 11 ? A 13 ? 
1 A G   2 14_445 A U 14 1_555  A C   3 14_445 A G 13 1_555  -0.558 -1.226 3.199 -2.942 3.515  43.394 -1.977 0.478  3.125 4.738  
3.966  43.623 6  AA_G6C7:G17U18_AA    A 6  ? A 18 ? A 7  ? A 17 ? 
1 A C   3 14_445 A G 13 1_555  A U   4 14_445 A A 12 1_555  1.031  -2.496 3.208 0.367  7.418  29.187 -6.158 -1.918 2.524 14.429 
-0.714 30.097 7  AA_C7U8:A16G17_AA    A 7  ? A 17 ? A 8  ? A 16 ? 
1 A U   4 14_445 A A 12 1_555  A 5BU 5 14_445 A A 11 1_555  -0.715 -2.313 3.186 -0.785 7.236  30.701 -5.465 1.185  2.603 13.431 
1.457  31.532 8  AA_U85BU9:A15A16_AA  A 8  ? A 16 ? A 9  ? A 15 ? 
1 A 5BU 5 14_445 A A 11 1_555  A C   6 14_445 A A 10 1_555  0.137  -1.178 3.149 3.813  5.386  40.720 -2.221 0.193  2.977 7.679  
-5.437 41.229 9  AA_5BU9C10:A14A15_AA A 9  ? A 15 ? A 10 ? A 14 ? 
1 A C   6 14_445 A A 10 1_555  A G   7 14_445 A A 9  1_555  0.662  -0.560 3.367 7.860  11.054 52.775 -1.306 -0.231 3.258 12.208 
-8.681 54.369 10 AA_C10G11:A13A14_AA  A 10 ? A 14 ? A 11 ? A 13 ? 
# 
loop_
_pdbx_audit_support.funding_organization 
_pdbx_audit_support.country 
_pdbx_audit_support.grant_number 
_pdbx_audit_support.ordinal 
'the Ichiro Kanehara Foundation' Japan ? 1 
AMED                             Japan ? 2 
'the Japan Science Society'      Japan ? 3 
# 
_pdbx_entity_instance_feature.ordinal        1 
_pdbx_entity_instance_feature.comp_id        SR 
_pdbx_entity_instance_feature.asym_id        ? 
_pdbx_entity_instance_feature.seq_num        ? 
_pdbx_entity_instance_feature.auth_comp_id   SR 
_pdbx_entity_instance_feature.auth_asym_id   ? 
_pdbx_entity_instance_feature.auth_seq_num   ? 
_pdbx_entity_instance_feature.feature_type   'SUBJECT OF INVESTIGATION' 
_pdbx_entity_instance_feature.details        ? 
# 
_atom_sites.entry_id                    5XWG 
_atom_sites.fract_transf_matrix[1][1]   -0.00709325 
_atom_sites.fract_transf_matrix[1][2]   0.00702911 
_atom_sites.fract_transf_matrix[1][3]   0.00737798 
_atom_sites.fract_transf_matrix[2][1]   -0.00943721 
_atom_sites.fract_transf_matrix[2][2]   -0.00792282 
_atom_sites.fract_transf_matrix[2][3]   -0.00152482 
_atom_sites.fract_transf_matrix[3][1]   0.00384474 
_atom_sites.fract_transf_matrix[3][2]   -0.00647901 
_atom_sites.fract_transf_matrix[3][3]   0.00986901 
_atom_sites.fract_transf_vector[1]      -0.536376 
_atom_sites.fract_transf_vector[2]      -0.239784 
_atom_sites.fract_transf_vector[3]      0.237963 
# 
loop_
_atom_type.symbol 
BR 
C  
N  
O  
P  
SR 
# 
loop_
_atom_site.group_PDB 
_atom_site.id 
_atom_site.type_symbol 
_atom_site.label_atom_id 
_atom_site.label_alt_id 
_atom_site.label_comp_id 
_atom_site.label_asym_id 
_atom_site.label_entity_id 
_atom_site.label_seq_id 
_atom_site.pdbx_PDB_ins_code 
_atom_site.Cartn_x 
_atom_site.Cartn_y 
_atom_site.Cartn_z 
_atom_site.occupancy 
_atom_site.B_iso_or_equiv 
_atom_site.pdbx_formal_charge 
_atom_site.auth_seq_id 
_atom_site.auth_comp_id 
_atom_site.auth_asym_id 
_atom_site.auth_atom_id 
_atom_site.pdbx_PDB_model_num 
ATOM   1   P  P     A C   A 1 1  ? 11.338  14.583  -2.490  0.50 109.95 ? 5   C   A P     1 
ATOM   2   P  P     B C   A 1 1  ? 11.674  14.248  -4.928  0.50 121.72 ? 5   C   A P     1 
ATOM   3   O  OP1   A C   A 1 1  ? 11.628  15.509  -3.667  0.50 111.40 ? 5   C   A OP1   1 
ATOM   4   O  OP1   B C   A 1 1  ? 12.415  14.800  -6.142  0.50 114.58 ? 5   C   A OP1   1 
ATOM   5   O  OP2   A C   A 1 1  ? 10.208  13.609  -2.802  0.50 108.79 ? 5   C   A OP2   1 
ATOM   6   O  OP2   B C   A 1 1  ? 10.687  13.153  -5.319  0.50 116.31 ? 5   C   A OP2   1 
ATOM   7   O  "O5'" A C   A 1 1  ? 12.673  13.668  -2.253  0.50 104.36 ? 5   C   A "O5'" 1 
ATOM   8   O  "O5'" B C   A 1 1  ? 12.788  13.533  -3.967  0.50 105.06 ? 5   C   A "O5'" 1 
ATOM   9   C  "C5'" A C   A 1 1  ? 13.174  12.809  -3.300  0.50 98.59  ? 5   C   A "C5'" 1 
ATOM   10  C  "C5'" B C   A 1 1  ? 13.591  12.438  -4.456  0.50 100.72 ? 5   C   A "C5'" 1 
ATOM   11  C  "C4'" A C   A 1 1  ? 14.464  12.136  -2.876  0.50 96.21  ? 5   C   A "C4'" 1 
ATOM   12  C  "C4'" B C   A 1 1  ? 14.606  12.006  -3.417  0.50 96.50  ? 5   C   A "C4'" 1 
ATOM   13  O  "O4'" A C   A 1 1  ? 15.269  13.041  -2.074  0.50 96.63  ? 5   C   A "O4'" 1 
ATOM   14  O  "O4'" B C   A 1 1  ? 15.110  13.158  -2.690  0.50 97.88  ? 5   C   A "O4'" 1 
ATOM   15  C  "C3'" A C   A 1 1  ? 14.380  10.903  -1.988  0.50 93.84  ? 5   C   A "C3'" 1 
ATOM   16  C  "C3'" B C   A 1 1  ? 14.147  11.088  -2.293  0.50 94.46  ? 5   C   A "C3'" 1 
ATOM   17  O  "O3'" . C   A 1 1  ? 14.016  9.729   -2.719  1.00 93.20  ? 5   C   A "O3'" 1 
ATOM   18  C  "C2'" A C   A 1 1  ? 15.816  10.809  -1.496  0.50 91.72  ? 5   C   A "C2'" 1 
ATOM   19  C  "C2'" B C   A 1 1  ? 15.303  11.238  -1.314  0.50 91.41  ? 5   C   A "C2'" 1 
ATOM   20  O  "O2'" A C   A 1 1  ? 16.674  10.261  -2.477  0.50 91.18  ? 5   C   A "O2'" 1 
ATOM   21  O  "O2'" B C   A 1 1  ? 16.429  10.481  -1.710  0.50 91.97  ? 5   C   A "O2'" 1 
ATOM   22  C  "C1'" A C   A 1 1  ? 16.164  12.285  -1.274  0.50 90.77  ? 5   C   A "C1'" 1 
ATOM   23  C  "C1'" B C   A 1 1  ? 15.617  12.733  -1.434  0.50 92.73  ? 5   C   A "C1'" 1 
ATOM   24  N  N1    A C   A 1 1  ? 16.012  12.709  0.128   0.50 85.26  ? 5   C   A N1    1 
ATOM   25  N  N1    B C   A 1 1  ? 14.990  13.542  -0.376  0.50 85.26  ? 5   C   A N1    1 
ATOM   26  C  C2    A C   A 1 1  ? 16.809  12.095  1.112   0.50 86.19  ? 5   C   A C2    1 
ATOM   27  C  C2    B C   A 1 1  ? 15.346  13.299  0.964   0.50 83.85  ? 5   C   A C2    1 
ATOM   28  O  O2    A C   A 1 1  ? 17.666  11.261  0.766   0.50 85.84  ? 5   C   A O2    1 
ATOM   29  O  O2    B C   A 1 1  ? 16.229  12.457  1.214   0.50 85.78  ? 5   C   A O2    1 
ATOM   30  N  N3    A C   A 1 1  ? 16.624  12.427  2.413   0.50 83.61  ? 5   C   A N3    1 
ATOM   31  N  N3    B C   A 1 1  ? 14.720  13.988  1.948   0.50 85.10  ? 5   C   A N3    1 
ATOM   32  C  C4    A C   A 1 1  ? 15.697  13.334  2.745   0.50 79.73  ? 5   C   A C4    1 
ATOM   33  C  C4    B C   A 1 1  ? 13.781  14.890  1.639   0.50 82.07  ? 5   C   A C4    1 
ATOM   34  N  N4    A C   A 1 1  ? 15.508  13.586  4.045   0.50 78.76  ? 5   C   A N4    1 
ATOM   35  N  N4    B C   A 1 1  ? 13.146  15.503  2.644   0.50 78.64  ? 5   C   A N4    1 
ATOM   36  C  C5    A C   A 1 1  ? 14.913  14.012  1.760   0.50 82.56  ? 5   C   A C5    1 
ATOM   37  C  C5    B C   A 1 1  ? 13.440  15.194  0.283   0.50 83.88  ? 5   C   A C5    1 
ATOM   38  C  C6    A C   A 1 1  ? 15.101  13.669  0.477   0.50 84.11  ? 5   C   A C6    1 
ATOM   39  C  C6    B C   A 1 1  ? 14.061  14.500  -0.682  0.50 85.17  ? 5   C   A C6    1 
ATOM   40  P  P     . G   A 1 2  ? 13.237  8.608   -1.961  1.00 95.29  ? 6   G   A P     1 
ATOM   41  O  OP1   . G   A 1 2  ? 13.010  7.393   -2.831  1.00 106.05 ? 6   G   A OP1   1 
ATOM   42  O  OP2   . G   A 1 2  ? 11.980  9.118   -1.273  1.00 88.78  ? 6   G   A OP2   1 
ATOM   43  O  "O5'" . G   A 1 2  ? 14.162  8.090   -0.726  1.00 91.36  ? 6   G   A "O5'" 1 
ATOM   44  C  "C5'" . G   A 1 2  ? 15.291  7.225   -0.954  1.00 92.87  ? 6   G   A "C5'" 1 
ATOM   45  C  "C4'" . G   A 1 2  ? 15.974  6.926   0.352   1.00 86.93  ? 6   G   A "C4'" 1 
ATOM   46  O  "O4'" . G   A 1 2  ? 16.311  8.184   0.982   1.00 83.23  ? 6   G   A "O4'" 1 
ATOM   47  C  "C3'" . G   A 1 2  ? 15.093  6.232   1.375   1.00 91.69  ? 6   G   A "C3'" 1 
ATOM   48  O  "O3'" . G   A 1 2  ? 15.100  4.828   1.149   1.00 94.16  ? 6   G   A "O3'" 1 
ATOM   49  C  "C2'" . G   A 1 2  ? 15.751  6.628   2.694   1.00 91.69  ? 6   G   A "C2'" 1 
ATOM   50  O  "O2'" . G   A 1 2  ? 16.831  5.804   3.086   1.00 86.81  ? 6   G   A "O2'" 1 
ATOM   51  C  "C1'" . G   A 1 2  ? 16.252  8.044   2.385   1.00 85.40  ? 6   G   A "C1'" 1 
ATOM   52  N  N9    . G   A 1 2  ? 15.382  9.089   2.911   1.00 77.63  ? 6   G   A N9    1 
ATOM   53  C  C8    . G   A 1 2  ? 14.603  9.961   2.194   1.00 81.06  ? 6   G   A C8    1 
ATOM   54  N  N7    . G   A 1 2  ? 13.910  10.768  2.955   1.00 79.33  ? 6   G   A N7    1 
ATOM   55  C  C5    . G   A 1 2  ? 14.265  10.413  4.249   1.00 74.22  ? 6   G   A C5    1 
ATOM   56  C  C6    . G   A 1 2  ? 13.831  10.938  5.503   1.00 75.14  ? 6   G   A C6    1 
ATOM   57  O  O6    . G   A 1 2  ? 13.051  11.883  5.719   1.00 72.27  ? 6   G   A O6    1 
ATOM   58  N  N1    . G   A 1 2  ? 14.408  10.258  6.570   1.00 71.62  ? 6   G   A N1    1 
ATOM   59  C  C2    . G   A 1 2  ? 15.305  9.219   6.446   1.00 80.16  ? 6   G   A C2    1 
ATOM   60  N  N2    . G   A 1 2  ? 15.740  8.661   7.594   1.00 88.19  ? 6   G   A N2    1 
ATOM   61  N  N3    . G   A 1 2  ? 15.743  8.746   5.280   1.00 81.09  ? 6   G   A N3    1 
ATOM   62  C  C4    . G   A 1 2  ? 15.175  9.380   4.237   1.00 76.66  ? 6   G   A C4    1 
ATOM   63  P  P     . C   A 1 3  ? 13.734  3.987   1.304   1.00 92.17  ? 7   C   A P     1 
ATOM   64  O  OP1   . C   A 1 3  ? 13.946  2.659   0.655   1.00 89.78  ? 7   C   A OP1   1 
ATOM   65  O  OP2   . C   A 1 3  ? 12.582  4.838   0.896   1.00 86.82  ? 7   C   A OP2   1 
ATOM   66  O  "O5'" . C   A 1 3  ? 13.591  3.780   2.873   1.00 93.81  ? 7   C   A "O5'" 1 
ATOM   67  C  "C5'" . C   A 1 3  ? 14.615  3.142   3.625   1.00 93.65  ? 7   C   A "C5'" 1 
ATOM   68  C  "C4'" . C   A 1 3  ? 14.470  3.494   5.081   1.00 84.27  ? 7   C   A "C4'" 1 
ATOM   69  O  "O4'" . C   A 1 3  ? 14.842  4.883   5.289   1.00 82.28  ? 7   C   A "O4'" 1 
ATOM   70  C  "C3'" . C   A 1 3  ? 13.050  3.450   5.632   1.00 79.46  ? 7   C   A "C3'" 1 
ATOM   71  O  "O3'" . C   A 1 3  ? 12.589  2.129   5.894   1.00 75.93  ? 7   C   A "O3'" 1 
ATOM   72  C  "C2'" . C   A 1 3  ? 13.226  4.258   6.903   1.00 74.79  ? 7   C   A "C2'" 1 
ATOM   73  O  "O2'" . C   A 1 3  ? 13.978  3.534   7.853   1.00 103.25 ? 7   C   A "O2'" 1 
ATOM   74  C  "C1'" . C   A 1 3  ? 14.084  5.409   6.377   1.00 81.11  ? 7   C   A "C1'" 1 
ATOM   75  N  N1    . C   A 1 3  ? 13.260  6.522   5.888   1.00 71.37  ? 7   C   A N1    1 
ATOM   76  C  C2    . C   A 1 3  ? 12.597  7.318   6.824   1.00 76.32  ? 7   C   A C2    1 
ATOM   77  O  O2    . C   A 1 3  ? 12.730  7.052   8.028   1.00 82.67  ? 7   C   A O2    1 
ATOM   78  N  N3    . C   A 1 3  ? 11.830  8.350   6.394   1.00 77.31  ? 7   C   A N3    1 
ATOM   79  C  C4    . C   A 1 3  ? 11.715  8.587   5.085   1.00 82.21  ? 7   C   A C4    1 
ATOM   80  N  N4    . C   A 1 3  ? 10.952  9.604   4.698   1.00 76.10  ? 7   C   A N4    1 
ATOM   81  C  C5    . C   A 1 3  ? 12.381  7.788   4.110   1.00 81.89  ? 7   C   A C5    1 
ATOM   82  C  C6    . C   A 1 3  ? 13.138  6.777   4.551   1.00 78.84  ? 7   C   A C6    1 
ATOM   83  P  P     . U   A 1 4  ? 11.115  1.686   5.414   1.00 92.24  ? 8   U   A P     1 
ATOM   84  O  OP1   . U   A 1 4  ? 10.987  0.251   5.764   1.00 104.04 ? 8   U   A OP1   1 
ATOM   85  O  OP2   . U   A 1 4  ? 10.911  2.111   4.008   1.00 91.83  ? 8   U   A OP2   1 
ATOM   86  O  "O5'" . U   A 1 4  ? 10.116  2.518   6.339   1.00 81.46  ? 8   U   A "O5'" 1 
ATOM   87  C  "C5'" . U   A 1 4  ? 10.114  2.321   7.742   1.00 82.78  ? 8   U   A "C5'" 1 
ATOM   88  C  "C4'" . U   A 1 4  ? 9.363   3.425   8.443   1.00 77.34  ? 8   U   A "C4'" 1 
ATOM   89  O  "O4'" . U   A 1 4  ? 9.830   4.727   8.017   1.00 84.22  ? 8   U   A "O4'" 1 
ATOM   90  C  "C3'" . U   A 1 4  ? 7.873   3.554   8.204   1.00 78.62  ? 8   U   A "C3'" 1 
ATOM   91  O  "O3'" . U   A 1 4  ? 7.162   2.516   8.869   1.00 89.71  ? 8   U   A "O3'" 1 
ATOM   92  C  "C2'" . U   A 1 4  ? 7.606   4.931   8.817   1.00 83.82  ? 8   U   A "C2'" 1 
ATOM   93  O  "O2'" . U   A 1 4  ? 7.527   4.950   10.224  1.00 84.39  ? 8   U   A "O2'" 1 
ATOM   94  C  "C1'" . U   A 1 4  ? 8.862   5.699   8.397   1.00 81.76  ? 8   U   A "C1'" 1 
ATOM   95  N  N1    . U   A 1 4  ? 8.596   6.594   7.261   1.00 82.12  ? 8   U   A N1    1 
ATOM   96  C  C2    . U   A 1 4  ? 7.797   7.691   7.508   1.00 86.67  ? 8   U   A C2    1 
ATOM   97  O  O2    . U   A 1 4  ? 7.341   7.939   8.611   1.00 83.01  ? 8   U   A O2    1 
ATOM   98  N  N3    . U   A 1 4  ? 7.547   8.497   6.415   1.00 80.90  ? 8   U   A N3    1 
ATOM   99  C  C4    . U   A 1 4  ? 8.008   8.308   5.133   1.00 84.84  ? 8   U   A C4    1 
ATOM   100 O  O4    . U   A 1 4  ? 7.715   9.101   4.231   1.00 88.12  ? 8   U   A O4    1 
ATOM   101 C  C5    . U   A 1 4  ? 8.832   7.135   4.967   1.00 81.77  ? 8   U   A C5    1 
ATOM   102 C  C6    . U   A 1 4  ? 9.103   6.328   6.013   1.00 72.92  ? 8   U   A C6    1 
HETATM 103 P  P     . 5BU A 1 5  ? 5.722   2.040   8.317   1.00 101.54 ? 9   5BU A P     1 
HETATM 104 O  OP1   . 5BU A 1 5  ? 5.433   0.749   8.996   1.00 101.92 ? 9   5BU A OP1   1 
HETATM 105 O  OP2   . 5BU A 1 5  ? 5.720   2.092   6.829   1.00 97.23  ? 9   5BU A OP2   1 
HETATM 106 O  "O5'" . 5BU A 1 5  ? 4.720   3.153   8.869   1.00 79.21  ? 9   5BU A "O5'" 1 
HETATM 107 C  "C5'" . 5BU A 1 5  ? 4.522   3.321   10.263  1.00 78.82  ? 9   5BU A "C5'" 1 
HETATM 108 C  "C4'" . 5BU A 1 5  ? 3.534   4.427   10.518  1.00 79.69  ? 9   5BU A "C4'" 1 
HETATM 109 O  "O4'" . 5BU A 1 5  ? 4.116   5.713   10.195  1.00 96.52  ? 9   5BU A "O4'" 1 
HETATM 110 C  "C3'" . 5BU A 1 5  ? 2.264   4.378   9.690   1.00 85.11  ? 9   5BU A "C3'" 1 
HETATM 111 O  "O3'" . 5BU A 1 5  ? 1.347   3.477   10.283  1.00 92.52  ? 9   5BU A "O3'" 1 
HETATM 112 C  "C2'" . 5BU A 1 5  ? 1.772   5.822   9.784   1.00 92.08  ? 9   5BU A "C2'" 1 
HETATM 113 O  "O2'" . 5BU A 1 5  ? 1.020   6.110   10.944  1.00 97.04  ? 9   5BU A "O2'" 1 
HETATM 114 C  "C1'" . 5BU A 1 5  ? 3.091   6.604   9.769   1.00 92.95  ? 9   5BU A "C1'" 1 
HETATM 115 N  N1    . 5BU A 1 5  ? 3.430   7.093   8.422   1.00 94.44  ? 9   5BU A N1    1 
HETATM 116 C  C2    . 5BU A 1 5  ? 2.806   8.244   7.981   1.00 96.55  ? 9   5BU A C2    1 
HETATM 117 O  O2    . 5BU A 1 5  ? 2.005   8.862   8.659   1.00 100.35 ? 9   5BU A O2    1 
HETATM 118 N  N3    . 5BU A 1 5  ? 3.150   8.636   6.712   1.00 93.47  ? 9   5BU A N3    1 
HETATM 119 C  C4    . 5BU A 1 5  ? 4.030   8.003   5.863   1.00 92.85  ? 9   5BU A C4    1 
HETATM 120 O  O4    . 5BU A 1 5  ? 4.240   8.467   4.747   1.00 96.92  ? 9   5BU A O4    1 
HETATM 121 C  C5    . 5BU A 1 5  ? 4.627   6.830   6.393   1.00 84.78  ? 9   5BU A C5    1 
HETATM 122 C  C6    . 5BU A 1 5  ? 4.321   6.425   7.623   1.00 86.45  ? 9   5BU A C6    1 
HETATM 123 BR BR    . 5BU A 1 5  ? 5.745   5.752   5.273   1.00 146.52 ? 9   5BU A BR    1 
ATOM   124 P  P     . C   A 1 6  ? 0.286   2.690   9.373   1.00 100.44 ? 10  C   A P     1 
ATOM   125 O  OP1   . C   A 1 6  ? -0.484  1.860   10.330  1.00 97.70  ? 10  C   A OP1   1 
ATOM   126 O  OP2   . C   A 1 6  ? 0.980   2.041   8.235   1.00 97.61  ? 10  C   A OP2   1 
ATOM   127 O  "O5'" . C   A 1 6  ? -0.680  3.837   8.831   1.00 91.12  ? 10  C   A "O5'" 1 
ATOM   128 C  "C5'" . C   A 1 6  ? -1.590  4.496   9.713   1.00 91.69  ? 10  C   A "C5'" 1 
ATOM   129 C  "C4'" . C   A 1 6  ? -2.302  5.628   9.004   1.00 96.44  ? 10  C   A "C4'" 1 
ATOM   130 O  "O4'" . C   A 1 6  ? -1.360  6.677   8.667   1.00 97.57  ? 10  C   A "O4'" 1 
ATOM   131 C  "C3'" . C   A 1 6  ? -2.989  5.297   7.690   1.00 94.01  ? 10  C   A "C3'" 1 
ATOM   132 O  "O3'" . C   A 1 6  ? -4.294  4.788   7.934   1.00 99.91  ? 10  C   A "O3'" 1 
ATOM   133 C  "C2'" . C   A 1 6  ? -3.076  6.667   7.030   1.00 92.80  ? 10  C   A "C2'" 1 
ATOM   134 O  "O2'" . C   A 1 6  ? -4.163  7.451   7.468   1.00 114.25 ? 10  C   A "O2'" 1 
ATOM   135 C  "C1'" . C   A 1 6  ? -1.753  7.302   7.458   1.00 91.75  ? 10  C   A "C1'" 1 
ATOM   136 N  N1    . C   A 1 6  ? -0.706  7.069   6.461   1.00 95.85  ? 10  C   A N1    1 
ATOM   137 C  C2    . C   A 1 6  ? -0.543  7.997   5.423   1.00 97.91  ? 10  C   A C2    1 
ATOM   138 O  O2    . C   A 1 6  ? -1.276  9.002   5.385   1.00 109.00 ? 10  C   A O2    1 
ATOM   139 N  N3    . C   A 1 6  ? 0.392   7.774   4.487   1.00 93.70  ? 10  C   A N3    1 
ATOM   140 C  C4    . C   A 1 6  ? 1.153   6.674   4.553   1.00 98.98  ? 10  C   A C4    1 
ATOM   141 N  N4    . C   A 1 6  ? 2.054   6.477   3.598   1.00 100.86 ? 10  C   A N4    1 
ATOM   142 C  C5    . C   A 1 6  ? 1.018   5.723   5.604   1.00 97.66  ? 10  C   A C5    1 
ATOM   143 C  C6    . C   A 1 6  ? 0.086   5.960   6.529   1.00 98.22  ? 10  C   A C6    1 
ATOM   144 P  P     . G   A 1 7  ? -4.849  3.555   7.065   1.00 110.20 ? 11  G   A P     1 
ATOM   145 O  OP1   . G   A 1 7  ? -6.245  3.340   7.539   1.00 116.66 ? 11  G   A OP1   1 
ATOM   146 O  OP2   . G   A 1 7  ? -3.870  2.432   7.091   1.00 95.03  ? 11  G   A OP2   1 
ATOM   147 O  "O5'" . G   A 1 7  ? -4.914  4.104   5.571   1.00 103.80 ? 11  G   A "O5'" 1 
ATOM   148 C  "C5'" . G   A 1 7  ? -5.768  5.184   5.227   1.00 99.44  ? 11  G   A "C5'" 1 
ATOM   149 C  "C4'" . G   A 1 7  ? -5.453  5.656   3.836   1.00 98.29  ? 11  G   A "C4'" 1 
ATOM   150 O  "O4'" . G   A 1 7  ? -4.079  6.122   3.818   1.00 101.85 ? 11  G   A "O4'" 1 
ATOM   151 C  "C3'" . G   A 1 7  ? -5.509  4.582   2.757   1.00 98.91  ? 11  G   A "C3'" 1 
ATOM   152 O  "O3'" . G   A 1 7  ? -6.833  4.480   2.235   1.00 100.90 ? 11  G   A "O3'" 1 
ATOM   153 C  "C2'" . G   A 1 7  ? -4.554  5.132   1.703   1.00 101.08 ? 11  G   A "C2'" 1 
ATOM   154 O  "O2'" . G   A 1 7  ? -5.158  6.034   0.802   1.00 103.11 ? 11  G   A "O2'" 1 
ATOM   155 C  "C1'" . G   A 1 7  ? -3.491  5.819   2.567   1.00 100.67 ? 11  G   A "C1'" 1 
ATOM   156 N  N9    . G   A 1 7  ? -2.371  4.951   2.800   1.00 94.24  ? 11  G   A N9    1 
ATOM   157 C  C8    . G   A 1 7  ? -2.293  3.845   3.615   1.00 101.68 ? 11  G   A C8    1 
ATOM   158 N  N7    . G   A 1 7  ? -1.169  3.173   3.494   1.00 96.85  ? 11  G   A N7    1 
ATOM   159 C  C5    . G   A 1 7  ? -0.440  3.872   2.537   1.00 94.47  ? 11  G   A C5    1 
ATOM   160 C  C6    . G   A 1 7  ? 0.841   3.609   1.987   1.00 103.66 ? 11  G   A C6    1 
ATOM   161 O  O6    . G   A 1 7  ? 1.618   2.677   2.253   1.00 113.04 ? 11  G   A O6    1 
ATOM   162 N  N1    . G   A 1 7  ? 1.208   4.561   1.033   1.00 104.31 ? 11  G   A N1    1 
ATOM   163 C  C2    . G   A 1 7  ? 0.433   5.626   0.655   1.00 109.47 ? 11  G   A C2    1 
ATOM   164 N  N2    . G   A 1 7  ? 0.939   6.439   -0.267  1.00 101.21 ? 11  G   A N2    1 
ATOM   165 N  N3    . G   A 1 7  ? -0.766  5.876   1.155   1.00 106.67 ? 11  G   A N3    1 
ATOM   166 C  C4    . G   A 1 7  ? -1.160  4.965   2.095   1.00 96.19  ? 11  G   A C4    1 
ATOM   167 P  P     . A   A 1 8  ? -7.307  3.141   1.470   1.00 105.67 ? 12  A   A P     1 
ATOM   168 O  OP1   . A   A 1 8  ? -8.603  2.787   2.103   1.00 100.74 ? 12  A   A OP1   1 
ATOM   169 O  OP2   . A   A 1 8  ? -6.218  2.131   1.410   1.00 107.84 ? 12  A   A OP2   1 
ATOM   170 O  "O5'" . A   A 1 8  ? -7.587  3.633   -0.018  1.00 89.14  ? 12  A   A "O5'" 1 
ATOM   171 C  "C5'" . A   A 1 8  ? -8.576  4.615   -0.265  1.00 86.90  ? 12  A   A "C5'" 1 
ATOM   172 C  "C4'" . A   A 1 8  ? -8.441  5.164   -1.661  1.00 87.68  ? 12  A   A "C4'" 1 
ATOM   173 O  "O4'" . A   A 1 8  ? -7.156  5.810   -1.846  1.00 91.30  ? 12  A   A "O4'" 1 
ATOM   174 C  "C3'" . A   A 1 8  ? -8.449  4.184   -2.814  1.00 83.26  ? 12  A   A "C3'" 1 
ATOM   175 O  "O3'" . A   A 1 8  ? -9.739  3.671   -3.073  1.00 86.10  ? 12  A   A "O3'" 1 
ATOM   176 C  "C2'" . A   A 1 8  ? -7.991  5.095   -3.936  1.00 88.20  ? 12  A   A "C2'" 1 
ATOM   177 O  "O2'" . A   A 1 8  ? -8.999  6.015   -4.284  1.00 92.63  ? 12  A   A "O2'" 1 
ATOM   178 C  "C1'" . A   A 1 8  ? -6.854  5.839   -3.236  1.00 89.94  ? 12  A   A "C1'" 1 
ATOM   179 N  N9    . A   A 1 8  ? -5.572  5.174   -3.452  1.00 96.90  ? 12  A   A N9    1 
ATOM   180 C  C8    . A   A 1 8  ? -4.864  4.379   -2.587  1.00 101.09 ? 12  A   A C8    1 
ATOM   181 N  N7    . A   A 1 8  ? -3.750  3.912   -3.093  1.00 102.06 ? 12  A   A N7    1 
ATOM   182 C  C5    . A   A 1 8  ? -3.719  4.439   -4.375  1.00 92.68  ? 12  A   A C5    1 
ATOM   183 C  C6    . A   A 1 8  ? -2.798  4.317   -5.421  1.00 94.80  ? 12  A   A C6    1 
ATOM   184 N  N6    . A   A 1 8  ? -1.681  3.599   -5.333  1.00 98.48  ? 12  A   A N6    1 
ATOM   185 N  N1    . A   A 1 8  ? -3.067  4.969   -6.576  1.00 96.47  ? 12  A   A N1    1 
ATOM   186 C  C2    . A   A 1 8  ? -4.192  5.696   -6.656  1.00 95.47  ? 12  A   A C2    1 
ATOM   187 N  N3    . A   A 1 8  ? -5.136  5.889   -5.738  1.00 91.74  ? 12  A   A N3    1 
ATOM   188 C  C4    . A   A 1 8  ? -4.835  5.222   -4.608  1.00 90.69  ? 12  A   A C4    1 
ATOM   189 P  P     . A   A 1 9  ? -9.897  2.150   -3.542  1.00 94.26  ? 13  A   A P     1 
ATOM   190 O  OP1   . A   A 1 9  ? -11.345 1.858   -3.522  1.00 105.07 ? 13  A   A OP1   1 
ATOM   191 O  OP2   . A   A 1 9  ? -8.966  1.311   -2.758  1.00 87.63  ? 13  A   A OP2   1 
ATOM   192 O  "O5'" . A   A 1 9  ? -9.422  2.157   -5.056  1.00 82.84  ? 13  A   A "O5'" 1 
ATOM   193 C  "C5'" . A   A 1 9  ? -10.014 3.041   -5.999  1.00 93.83  ? 13  A   A "C5'" 1 
ATOM   194 C  "C4'" . A   A 1 9  ? -9.116  3.186   -7.201  1.00 95.95  ? 13  A   A "C4'" 1 
ATOM   195 O  "O4'" . A   A 1 9  ? -7.877  3.828   -6.796  1.00 87.66  ? 13  A   A "O4'" 1 
ATOM   196 C  "C3'" . A   A 1 9  ? -8.678  1.878   -7.851  1.00 94.58  ? 13  A   A "C3'" 1 
ATOM   197 O  "O3'" . A   A 1 9  ? -9.636  1.464   -8.819  1.00 95.60  ? 13  A   A "O3'" 1 
ATOM   198 C  "C2'" . A   A 1 9  ? -7.384  2.290   -8.538  1.00 82.28  ? 13  A   A "C2'" 1 
ATOM   199 O  "O2'" . A   A 1 9  ? -7.601  2.951   -9.762  1.00 99.40  ? 13  A   A "O2'" 1 
ATOM   200 C  "C1'" . A   A 1 9  ? -6.796  3.265   -7.518  1.00 84.60  ? 13  A   A "C1'" 1 
ATOM   201 N  N9    . A   A 1 9  ? -5.921  2.574   -6.579  1.00 93.07  ? 13  A   A N9    1 
ATOM   202 C  C8    . A   A 1 9  ? -6.119  2.308   -5.246  1.00 94.69  ? 13  A   A C8    1 
ATOM   203 N  N7    . A   A 1 9  ? -5.144  1.622   -4.695  1.00 95.08  ? 13  A   A N7    1 
ATOM   204 C  C5    . A   A 1 9  ? -4.243  1.437   -5.735  1.00 91.06  ? 13  A   A C5    1 
ATOM   205 C  C6    . A   A 1 9  ? -3.006  0.785   -5.807  1.00 87.49  ? 13  A   A C6    1 
ATOM   206 N  N6    . A   A 1 9  ? -2.425  0.180   -4.769  1.00 98.54  ? 13  A   A N6    1 
ATOM   207 N  N1    . A   A 1 9  ? -2.374  0.773   -6.996  1.00 84.40  ? 13  A   A N1    1 
ATOM   208 C  C2    . A   A 1 9  ? -2.948  1.388   -8.033  1.00 93.13  ? 13  A   A C2    1 
ATOM   209 N  N3    . A   A 1 9  ? -4.098  2.042   -8.090  1.00 94.41  ? 13  A   A N3    1 
ATOM   210 C  C4    . A   A 1 9  ? -4.706  2.025   -6.895  1.00 93.16  ? 13  A   A C4    1 
ATOM   211 P  P     . A   A 1 10 ? -10.135 -0.065  -8.860  1.00 108.28 ? 14  A   A P     1 
ATOM   212 O  OP1   . A   A 1 10 ? -11.133 -0.131  -9.955  1.00 114.33 ? 14  A   A OP1   1 
ATOM   213 O  OP2   . A   A 1 10 ? -10.512 -0.523  -7.490  1.00 100.52 ? 14  A   A OP2   1 
ATOM   214 O  "O5'" . A   A 1 10 ? -8.860  -0.891  -9.338  1.00 96.71  ? 14  A   A "O5'" 1 
ATOM   215 C  "C5'" . A   A 1 10 ? -8.371  -0.768  -10.666 1.00 93.35  ? 14  A   A "C5'" 1 
ATOM   216 C  "C4'" . A   A 1 10 ? -6.984  -1.344  -10.760 1.00 90.99  ? 14  A   A "C4'" 1 
ATOM   217 O  "O4'" . A   A 1 10 ? -6.119  -0.613  -9.856  1.00 92.05  ? 14  A   A "O4'" 1 
ATOM   218 C  "C3'" . A   A 1 10 ? -6.857  -2.778  -10.285 1.00 93.02  ? 14  A   A "C3'" 1 
ATOM   219 O  "O3'" . A   A 1 10 ? -7.224  -3.692  -11.309 1.00 91.69  ? 14  A   A "O3'" 1 
ATOM   220 C  "C2'" . A   A 1 10 ? -5.379  -2.864  -9.929  1.00 84.47  ? 14  A   A "C2'" 1 
ATOM   221 O  "O2'" . A   A 1 10 ? -4.540  -3.052  -11.043 1.00 90.43  ? 14  A   A "O2'" 1 
ATOM   222 C  "C1'" . A   A 1 10 ? -5.136  -1.482  -9.330  1.00 86.32  ? 14  A   A "C1'" 1 
ATOM   223 N  N9    . A   A 1 10 ? -5.260  -1.483  -7.878  1.00 84.57  ? 14  A   A N9    1 
ATOM   224 C  C8    . A   A 1 10 ? -6.242  -0.926  -7.104  1.00 87.86  ? 14  A   A C8    1 
ATOM   225 N  N7    . A   A 1 10 ? -6.062  -1.109  -5.816  1.00 92.86  ? 14  A   A N7    1 
ATOM   226 C  C5    . A   A 1 10 ? -4.885  -1.836  -5.745  1.00 85.87  ? 14  A   A C5    1 
ATOM   227 C  C6    . A   A 1 10 ? -4.161  -2.351  -4.668  1.00 93.90  ? 14  A   A C6    1 
ATOM   228 N  N6    . A   A 1 10 ? -4.522  -2.204  -3.391  1.00 104.07 ? 14  A   A N6    1 
ATOM   229 N  N1    . A   A 1 10 ? -3.034  -3.035  -4.943  1.00 90.51  ? 14  A   A N1    1 
ATOM   230 C  C2    . A   A 1 10 ? -2.665  -3.180  -6.216  1.00 87.73  ? 14  A   A C2    1 
ATOM   231 N  N3    . A   A 1 10 ? -3.258  -2.738  -7.315  1.00 92.60  ? 14  A   A N3    1 
ATOM   232 C  C4    . A   A 1 10 ? -4.379  -2.068  -7.006  1.00 85.75  ? 14  A   A C4    1 
ATOM   233 P  P     . A   A 1 11 ? -8.055  -5.013  -10.929 1.00 97.01  ? 15  A   A P     1 
ATOM   234 O  OP1   . A   A 1 11 ? -8.512  -5.634  -12.192 1.00 99.02  ? 15  A   A OP1   1 
ATOM   235 O  OP2   . A   A 1 11 ? -9.046  -4.644  -9.888  1.00 100.13 ? 15  A   A OP2   1 
ATOM   236 O  "O5'" . A   A 1 11 ? -6.984  -5.988  -10.267 1.00 89.35  ? 15  A   A "O5'" 1 
ATOM   237 C  "C5'" . A   A 1 11 ? -5.880  -6.474  -11.017 1.00 93.42  ? 15  A   A "C5'" 1 
ATOM   238 C  "C4'" . A   A 1 11 ? -4.785  -6.921  -10.086 1.00 90.61  ? 15  A   A "C4'" 1 
ATOM   239 O  "O4'" . A   A 1 11 ? -4.447  -5.812  -9.213  1.00 90.13  ? 15  A   A "O4'" 1 
ATOM   240 C  "C3'" . A   A 1 11 ? -5.186  -8.001  -9.096  1.00 91.49  ? 15  A   A "C3'" 1 
ATOM   241 O  "O3'" . A   A 1 11 ? -5.173  -9.301  -9.668  1.00 84.34  ? 15  A   A "O3'" 1 
ATOM   242 C  "C2'" . A   A 1 11 ? -4.135  -7.835  -8.009  1.00 87.86  ? 15  A   A "C2'" 1 
ATOM   243 O  "O2'" . A   A 1 11 ? -2.910  -8.457  -8.310  1.00 96.15  ? 15  A   A "O2'" 1 
ATOM   244 C  "C1'" . A   A 1 11 ? -3.976  -6.316  -7.973  1.00 89.47  ? 15  A   A "C1'" 1 
ATOM   245 N  N9    . A   A 1 11 ? -4.776  -5.730  -6.902  1.00 87.49  ? 15  A   A N9    1 
ATOM   246 C  C8    . A   A 1 11 ? -5.904  -4.951  -6.998  1.00 88.90  ? 15  A   A C8    1 
ATOM   247 N  N7    . A   A 1 11 ? -6.416  -4.621  -5.837  1.00 95.42  ? 15  A   A N7    1 
ATOM   248 C  C5    . A   A 1 11 ? -5.569  -5.220  -4.915  1.00 89.03  ? 15  A   A C5    1 
ATOM   249 C  C6    . A   A 1 11 ? -5.576  -5.262  -3.513  1.00 92.31  ? 15  A   A C6    1 
ATOM   250 N  N6    . A   A 1 11 ? -6.511  -4.681  -2.766  1.00 93.79  ? 15  A   A N6    1 
ATOM   251 N  N1    . A   A 1 11 ? -4.578  -5.935  -2.895  1.00 91.97  ? 15  A   A N1    1 
ATOM   252 C  C2    . A   A 1 11 ? -3.641  -6.526  -3.653  1.00 92.05  ? 15  A   A C2    1 
ATOM   253 N  N3    . A   A 1 11 ? -3.531  -6.563  -4.981  1.00 87.65  ? 15  A   A N3    1 
ATOM   254 C  C4    . A   A 1 11 ? -4.542  -5.887  -5.558  1.00 88.24  ? 15  A   A C4    1 
ATOM   255 P  P     . A   A 1 12 ? -6.275  -10.378 -9.205  1.00 91.99  ? 16  A   A P     1 
ATOM   256 O  OP1   . A   A 1 12 ? -6.137  -11.566 -10.088 1.00 102.81 ? 16  A   A OP1   1 
ATOM   257 O  OP2   . A   A 1 12 ? -7.588  -9.678  -9.097  1.00 88.14  ? 16  A   A OP2   1 
ATOM   258 O  "O5'" . A   A 1 12 ? -5.821  -10.820 -7.745  1.00 86.02  ? 16  A   A "O5'" 1 
ATOM   259 C  "C5'" . A   A 1 12 ? -4.543  -11.394 -7.527  1.00 92.84  ? 16  A   A "C5'" 1 
ATOM   260 C  "C4'" . A   A 1 12 ? -4.224  -11.416 -6.051  1.00 92.06  ? 16  A   A "C4'" 1 
ATOM   261 O  "O4'" . A   A 1 12 ? -4.329  -10.083 -5.498  1.00 89.05  ? 16  A   A "O4'" 1 
ATOM   262 C  "C3'" . A   A 1 12 ? -5.152  -12.206 -5.145  1.00 83.03  ? 16  A   A "C3'" 1 
ATOM   263 O  "O3'" . A   A 1 12 ? -4.845  -13.590 -5.238  1.00 87.65  ? 16  A   A "O3'" 1 
ATOM   264 C  "C2'" . A   A 1 12 ? -4.769  -11.656 -3.776  1.00 86.52  ? 16  A   A "C2'" 1 
ATOM   265 O  "O2'" . A   A 1 12 ? -3.603  -12.267 -3.255  1.00 83.11  ? 16  A   A "O2'" 1 
ATOM   266 C  "C1'" . A   A 1 12 ? -4.485  -10.184 -4.097  1.00 85.28  ? 16  A   A "C1'" 1 
ATOM   267 N  N9    . A   A 1 12 ? -5.564  -9.288  -3.691  1.00 82.51  ? 16  A   A N9    1 
ATOM   268 C  C8    . A   A 1 12 ? -6.431  -8.582  -4.487  1.00 83.79  ? 16  A   A C8    1 
ATOM   269 N  N7    . A   A 1 12 ? -7.310  -7.880  -3.815  1.00 87.83  ? 16  A   A N7    1 
ATOM   270 C  C5    . A   A 1 12 ? -6.997  -8.138  -2.487  1.00 84.72  ? 16  A   A C5    1 
ATOM   271 C  C6    . A   A 1 12 ? -7.564  -7.697  -1.276  1.00 90.03  ? 16  A   A C6    1 
ATOM   272 N  N6    . A   A 1 12 ? -8.618  -6.877  -1.206  1.00 89.44  ? 16  A   A N6    1 
ATOM   273 N  N1    . A   A 1 12 ? -7.005  -8.135  -0.122  1.00 87.81  ? 16  A   A N1    1 
ATOM   274 C  C2    . A   A 1 12 ? -5.953  -8.959  -0.196  1.00 88.67  ? 16  A   A C2    1 
ATOM   275 N  N3    . A   A 1 12 ? -5.336  -9.447  -1.276  1.00 86.90  ? 16  A   A N3    1 
ATOM   276 C  C4    . A   A 1 12 ? -5.917  -8.993  -2.397  1.00 80.31  ? 16  A   A C4    1 
ATOM   277 P  P     . G   A 1 13 ? -5.955  -14.690 -4.855  1.00 98.54  ? 17  G   A P     1 
ATOM   278 O  OP1   . G   A 1 13 ? -5.379  -16.005 -5.231  1.00 94.71  ? 17  G   A OP1   1 
ATOM   279 O  OP2   . G   A 1 13 ? -7.275  -14.273 -5.411  1.00 90.29  ? 17  G   A OP2   1 
ATOM   280 O  "O5'" . G   A 1 13 ? -6.045  -14.635 -3.267  1.00 83.31  ? 17  G   A "O5'" 1 
ATOM   281 C  "C5'" . G   A 1 13 ? -4.931  -15.005 -2.473  1.00 81.75  ? 17  G   A "C5'" 1 
ATOM   282 C  "C4'" . G   A 1 13 ? -5.190  -14.679 -1.024  1.00 84.12  ? 17  G   A "C4'" 1 
ATOM   283 O  "O4'" . G   A 1 13 ? -5.382  -13.253 -0.825  1.00 80.63  ? 17  G   A "O4'" 1 
ATOM   284 C  "C3'" . G   A 1 13 ? -6.472  -15.228 -0.439  1.00 88.02  ? 17  G   A "C3'" 1 
ATOM   285 O  "O3'" . G   A 1 13 ? -6.397  -16.626 -0.215  1.00 94.12  ? 17  G   A "O3'" 1 
ATOM   286 C  "C2'" . G   A 1 13 ? -6.567  -14.434 0.855   1.00 82.57  ? 17  G   A "C2'" 1 
ATOM   287 O  "O2'" . G   A 1 13 ? -5.710  -14.952 1.848   1.00 91.63  ? 17  G   A "O2'" 1 
ATOM   288 C  "C1'" . G   A 1 13 ? -6.091  -13.052 0.390   1.00 76.56  ? 17  G   A "C1'" 1 
ATOM   289 N  N9    . G   A 1 13 ? -7.189  -12.121 0.141   1.00 76.54  ? 17  G   A N9    1 
ATOM   290 C  C8    . G   A 1 13 ? -7.641  -11.666 -1.080  1.00 78.77  ? 17  G   A C8    1 
ATOM   291 N  N7    . G   A 1 13 ? -8.625  -10.807 -0.973  1.00 75.45  ? 17  G   A N7    1 
ATOM   292 C  C5    . G   A 1 13 ? -8.835  -10.694 0.399   1.00 74.13  ? 17  G   A C5    1 
ATOM   293 C  C6    . G   A 1 13 ? -9.756  -9.884  1.129   1.00 72.81  ? 17  G   A C6    1 
ATOM   294 O  O6    . G   A 1 13 ? -10.588 -9.080  0.694   1.00 70.04  ? 17  G   A O6    1 
ATOM   295 N  N1    . G   A 1 13 ? -9.629  -10.070 2.498   1.00 68.86  ? 17  G   A N1    1 
ATOM   296 C  C2    . G   A 1 13 ? -8.726  -10.923 3.097   1.00 72.74  ? 17  G   A C2    1 
ATOM   297 N  N2    . G   A 1 13 ? -8.740  -10.948 4.451   1.00 72.21  ? 17  G   A N2    1 
ATOM   298 N  N3    . G   A 1 13 ? -7.866  -11.687 2.426   1.00 66.04  ? 17  G   A N3    1 
ATOM   299 C  C4    . G   A 1 13 ? -7.970  -11.512 1.097   1.00 70.45  ? 17  G   A C4    1 
ATOM   300 P  P     . U   A 1 14 ? -7.710  -17.527 -0.431  1.00 104.61 ? 18  U   A P     1 
ATOM   301 O  OP1   . U   A 1 14 ? -7.308  -18.936 -0.157  1.00 88.29  ? 18  U   A OP1   1 
ATOM   302 O  OP2   . U   A 1 14 ? -8.285  -17.163 -1.757  1.00 86.66  ? 18  U   A OP2   1 
ATOM   303 O  "O5'" . U   A 1 14 ? -8.689  -17.034 0.727   1.00 74.58  ? 18  U   A "O5'" 1 
ATOM   304 C  "C5'" . U   A 1 14 ? -8.334  -17.220 2.093   1.00 78.51  ? 18  U   A "C5'" 1 
ATOM   305 C  "C4'" . U   A 1 14 ? -9.282  -16.473 3.005   1.00 74.05  ? 18  U   A "C4'" 1 
ATOM   306 O  "O4'" . U   A 1 14 ? -9.100  -15.033 2.908   1.00 84.45  ? 18  U   A "O4'" 1 
ATOM   307 C  "C3'" . U   A 1 14 ? -10.771 -16.648 2.787   1.00 80.04  ? 18  U   A "C3'" 1 
ATOM   308 O  "O3'" . U   A 1 14 ? -11.211 -17.883 3.324   1.00 86.62  ? 18  U   A "O3'" 1 
ATOM   309 C  "C2'" . U   A 1 14 ? -11.301 -15.493 3.618   1.00 80.90  ? 18  U   A "C2'" 1 
ATOM   310 O  "O2'" . U   A 1 14 ? -11.213 -15.794 4.993   1.00 93.06  ? 18  U   A "O2'" 1 
ATOM   311 C  "C1'" . U   A 1 14 ? -10.314 -14.378 3.247   1.00 69.67  ? 18  U   A "C1'" 1 
ATOM   312 N  N1    . U   A 1 14 ? -10.766 -13.623 2.071   1.00 60.70  ? 18  U   A N1    1 
ATOM   313 C  C2    . U   A 1 14 ? -11.686 -12.614 2.266   1.00 69.77  ? 18  U   A C2    1 
ATOM   314 O  O2    . U   A 1 14 ? -12.063 -12.271 3.372   1.00 76.05  ? 18  U   A O2    1 
ATOM   315 N  N3    . U   A 1 14 ? -12.154 -12.014 1.114   1.00 61.56  ? 18  U   A N3    1 
ATOM   316 C  C4    . U   A 1 14 ? -11.798 -12.324 -0.178  1.00 70.46  ? 18  U   A C4    1 
ATOM   317 O  O4    . U   A 1 14 ? -12.289 -11.714 -1.135  1.00 81.15  ? 18  U   A O4    1 
ATOM   318 C  C5    . U   A 1 14 ? -10.835 -13.394 -0.284  1.00 69.88  ? 18  U   A C5    1 
ATOM   319 C  C6    . U   A 1 14 ? -10.350 -13.999 0.818   1.00 68.96  ? 18  U   A C6    1 
ATOM   320 P  P     . C   A 1 15 ? -12.451 -18.657 2.651   1.00 98.97  ? 19  C   A P     1 
ATOM   321 O  OP1   . C   A 1 15 ? -13.681 -17.848 2.876   1.00 81.26  ? 19  C   A OP1   1 
ATOM   322 O  OP2   . C   A 1 15 ? -12.398 -20.066 3.128   1.00 100.10 ? 19  C   A OP2   1 
ATOM   323 O  "O5'" . C   A 1 15 ? -12.115 -18.649 1.094   1.00 87.85  ? 19  C   A "O5'" 1 
ATOM   324 C  "C5'" . C   A 1 15 ? -11.306 -19.667 0.514   1.00 90.19  ? 19  C   A "C5'" 1 
ATOM   325 C  "C4'" . C   A 1 15 ? -11.735 -19.910 -0.912  1.00 96.24  ? 19  C   A "C4'" 1 
ATOM   326 O  "O4'" . C   A 1 15 ? -13.135 -20.290 -0.917  1.00 103.74 ? 19  C   A "O4'" 1 
ATOM   327 C  "C3'" . C   A 1 15 ? -11.689 -18.687 -1.807  1.00 88.06  ? 19  C   A "C3'" 1 
ATOM   328 O  "O3'" . C   A 1 15 ? -10.374 -18.341 -2.222  1.00 100.85 ? 19  C   A "O3'" 1 
ATOM   329 C  "C2'" . C   A 1 15 ? -12.703 -19.033 -2.890  1.00 81.08  ? 19  C   A "C2'" 1 
ATOM   330 O  "O2'" . C   A 1 15 ? -12.190 -19.864 -3.904  1.00 96.32  ? 19  C   A "O2'" 1 
ATOM   331 C  "C1'" . C   A 1 15 ? -13.766 -19.779 -2.081  1.00 89.26  ? 19  C   A "C1'" 1 
ATOM   332 N  N1    . C   A 1 15 ? -14.863 -18.896 -1.663  1.00 86.78  ? 19  C   A N1    1 
ATOM   333 C  C2    . C   A 1 15 ? -15.806 -18.513 -2.619  1.00 88.11  ? 19  C   A C2    1 
ATOM   334 O  O2    . C   A 1 15 ? -15.714 -18.992 -3.767  1.00 91.29  ? 19  C   A O2    1 
ATOM   335 N  N3    . C   A 1 15 ? -16.790 -17.642 -2.274  1.00 81.30  ? 19  C   A N3    1 
ATOM   336 C  C4    . C   A 1 15 ? -16.853 -17.174 -1.024  1.00 84.63  ? 19  C   A C4    1 
ATOM   337 N  N4    . C   A 1 15 ? -17.817 -16.304 -0.731  1.00 82.61  ? 19  C   A N4    1 
ATOM   338 C  C5    . C   A 1 15 ? -15.922 -17.578 -0.019  1.00 87.45  ? 19  C   A C5    1 
ATOM   339 C  C6    . C   A 1 15 ? -14.952 -18.433 -0.379  1.00 86.91  ? 19  C   A C6    1 
HETATM 340 SR SR    . SR  B 2 .  ? -9.730  -20.123 -4.485  1.00 108.18 ? 101 SR  A SR    1 
HETATM 341 SR SR    . SR  C 2 .  ? 0.226   0.039   5.108   0.50 142.28 ? 102 SR  A SR    1 
HETATM 342 SR SR    . SR  D 2 .  ? -11.059 -4.446  -5.613  1.00 154.06 ? 103 SR  A SR    1 
# 
